data_7BY6
#
_entry.id   7BY6
#
_cell.length_a   136.523
_cell.length_b   74.071
_cell.length_c   121.682
_cell.angle_alpha   90.000
_cell.angle_beta   90.000
_cell.angle_gamma   90.000
#
_symmetry.space_group_name_H-M   'P 21 21 2'
#
loop_
_entity.id
_entity.type
_entity.pdbx_description
1 polymer 'Phenylalanyl-tRNA synthetase beta chain, putative'
2 polymer 'Phenylalanyl-tRNA synthetase beta chain, putative'
3 non-polymer (3S,4R,8R,9R,10S)-N-(4-cyclopropyloxyphenyl)-10-(methoxymethyl)-3,4-bis(oxidanyl)-9-[4-(2-phenylethynyl)phenyl]-1,6-diazabicyclo[6.2.0]decane-6-carboxamide
4 non-polymer 'MAGNESIUM ION'
#
loop_
_entity_poly.entity_id
_entity_poly.type
_entity_poly.pdbx_seq_one_letter_code
_entity_poly.pdbx_strand_id
1 'polypeptide(L)'
;LTYLLIKNEEYKKYQVKKYNFFSSGKKMNKGNIHLLIRQMRTFKDVFVSLGFEEMNTHNYVESSFWCFDALYIPQQHPSR
DLQDTFFIKVPEMCQEEFTDQSYIENVKRVHSVGDYGSFGWNYQWELKSTKKNVLRTHTTANSCRALFQLAKEYQKTGSI
IPKKFFSIDRVFRNENLDSTHLAEFHQVEGLIIDRNLGLSHLIGTLSAFYKYIGISKLRFKPTFNPYTEPSMEVYGYHEE
NKKWLEVGNSGIFRPEMLRAMGFPPEVSVIAWGLSLERPTMIKYSIRNIRDLFGYRSVI
;
A
2 'polypeptide(L)'
;MGPTISVHEEDLIEKLGEKIEEEKLNDICFEFGIEIDDVEYKGEKKIYKIEVPANRYDLVCVEGLCRALKSFIGKYENVS
YALLTNSEEACVKEKHFMRVDESVDERRSYVVSAVLKNVKMNENVYNNIIELQEKLHHNLGKKRILLAIGIHDYDKINFP
VAYKFEEKEKINFIPLNETQNVNGNNFINFYQDNINLKSYLKIISDFEKFPVIVDAGGQILSLPPIINCDYTKITYDTRN
LFIECTAIDRNKAEIAVNIICSMLSEYCTPKYSIHSFFVQYDKNHKAEKGNGYLYPVFKNKTLTCHMDYVRKLSGILNLS
VKDVEPLLKKMMITSKVIDSSTFTVDVPFYRSDIMHFCDIVEDIAIAYGYGNIVSEKIEIAKKNSLSACTELFRNVLAEC
TYTEVMTNALLSKRENYDCMLRKHRSYDDRKINLDEYNPLAPPVQIMNSKTSEYEIVRTSLIVNMLKFVSANKHRELPLR
FFEIGDVSYTTYDRTDTNAVNKRYLSVIFADKFTAGLEEAHGMLETVLKEFQLFSDYKIEEKSKENVAIRSDVFYKLVPK
EDPSFLNERVVDIVLCPHNLKFGIMGIIHPKVLENFSIDIPVSVIEINIETIMDVLMM
;
B
#
loop_
_chem_comp.id
_chem_comp.type
_chem_comp.name
_chem_comp.formula
FB9 non-polymer (3S,4R,8R,9R,10S)-N-(4-cyclopropyloxyphenyl)-10-(methoxymethyl)-3,4-bis(oxidanyl)-9-[4-(2-phenylethynyl)phenyl]-1,6-diazabicyclo[6.2.0]decane-6-carboxamide 'C34 H37 N3 O5'
MG non-polymer 'MAGNESIUM ION' 'Mg 2'
#
# COMPACT_ATOMS: atom_id res chain seq x y z
N LEU A 1 54.59 -18.26 -8.28
CA LEU A 1 53.35 -17.94 -7.57
C LEU A 1 52.70 -16.64 -8.09
N THR A 2 53.45 -15.51 -8.07
CA THR A 2 52.97 -14.21 -8.53
C THR A 2 54.20 -13.35 -8.79
N TYR A 3 54.07 -12.40 -9.73
CA TYR A 3 55.17 -11.52 -10.14
C TYR A 3 55.58 -10.59 -9.00
N LEU A 4 56.71 -9.91 -9.19
CA LEU A 4 57.30 -9.06 -8.16
C LEU A 4 58.00 -7.87 -8.82
N LEU A 5 58.38 -6.90 -7.98
CA LEU A 5 59.17 -5.76 -8.44
C LEU A 5 60.53 -6.18 -9.01
N ILE A 6 61.03 -7.36 -8.59
CA ILE A 6 62.36 -7.81 -8.99
C ILE A 6 62.36 -8.68 -10.24
N LYS A 7 61.21 -9.25 -10.61
CA LYS A 7 61.12 -10.29 -11.65
C LYS A 7 60.76 -9.73 -13.02
N ASN A 8 61.36 -8.60 -13.42
CA ASN A 8 61.32 -8.12 -14.80
C ASN A 8 62.75 -8.05 -15.31
N GLU A 9 63.05 -8.87 -16.34
CA GLU A 9 64.35 -9.26 -16.92
C GLU A 9 64.92 -10.50 -16.25
N GLU A 10 64.26 -11.04 -15.22
CA GLU A 10 64.73 -12.24 -14.52
C GLU A 10 63.62 -13.24 -14.23
N TYR A 11 62.42 -13.07 -14.81
CA TYR A 11 61.31 -13.99 -14.59
C TYR A 11 61.37 -15.26 -15.45
N LYS A 12 62.27 -15.33 -16.44
CA LYS A 12 62.17 -16.40 -17.42
C LYS A 12 62.62 -17.75 -16.84
N LYS A 13 63.49 -17.74 -15.83
CA LYS A 13 64.16 -18.95 -15.33
C LYS A 13 63.48 -19.55 -14.11
N TYR A 14 62.15 -19.52 -14.02
CA TYR A 14 61.44 -19.91 -12.80
C TYR A 14 60.21 -20.75 -13.12
N GLN A 15 59.58 -21.24 -12.05
CA GLN A 15 58.38 -22.07 -12.10
C GLN A 15 57.14 -21.22 -11.83
N VAL A 16 56.18 -21.24 -12.76
CA VAL A 16 54.87 -20.58 -12.57
C VAL A 16 53.88 -21.70 -12.23
N LYS A 17 53.70 -21.94 -10.92
CA LYS A 17 52.70 -22.89 -10.44
C LYS A 17 51.36 -22.63 -11.09
N LYS A 18 50.57 -23.68 -11.27
CA LYS A 18 49.22 -23.50 -11.80
C LYS A 18 48.39 -22.68 -10.83
N TYR A 19 47.51 -21.84 -11.37
CA TYR A 19 46.51 -21.13 -10.60
C TYR A 19 45.17 -21.81 -10.83
N ASN A 20 44.52 -22.25 -9.76
CA ASN A 20 43.20 -22.83 -9.85
C ASN A 20 42.19 -21.70 -9.95
N PHE A 21 41.93 -21.26 -11.19
CA PHE A 21 40.84 -20.33 -11.45
C PHE A 21 39.46 -20.93 -11.17
N PHE A 22 39.32 -22.25 -10.99
CA PHE A 22 38.03 -22.84 -10.59
C PHE A 22 37.88 -22.68 -9.08
N SER A 23 37.60 -21.44 -8.69
CA SER A 23 37.68 -21.02 -7.30
C SER A 23 37.11 -19.60 -7.23
N SER A 24 37.08 -19.05 -6.04
CA SER A 24 36.82 -17.63 -5.87
C SER A 24 38.13 -16.94 -5.52
N GLY A 25 38.15 -15.62 -5.74
CA GLY A 25 39.32 -14.80 -5.46
C GLY A 25 39.41 -14.39 -3.99
N LYS A 26 40.28 -13.39 -3.76
CA LYS A 26 40.27 -12.67 -2.49
C LYS A 26 38.89 -12.07 -2.27
N LYS A 27 38.35 -12.23 -1.05
CA LYS A 27 37.08 -11.58 -0.75
C LYS A 27 37.30 -10.07 -0.61
N MET A 28 36.47 -9.30 -1.32
CA MET A 28 36.56 -7.85 -1.32
C MET A 28 35.53 -7.27 -0.37
N ASN A 29 35.94 -6.25 0.35
CA ASN A 29 35.04 -5.54 1.24
C ASN A 29 34.55 -4.29 0.54
N LYS A 30 33.25 -4.05 0.62
CA LYS A 30 32.73 -2.91 -0.10
C LYS A 30 31.54 -2.33 0.65
N GLY A 31 31.27 -1.07 0.39
CA GLY A 31 30.19 -0.39 1.06
C GLY A 31 28.86 -0.64 0.40
N ASN A 32 27.80 -0.43 1.17
CA ASN A 32 26.46 -0.79 0.75
C ASN A 32 25.47 0.29 1.14
N ILE A 33 24.77 0.82 0.13
CA ILE A 33 23.50 1.49 0.37
C ILE A 33 22.50 0.45 0.87
N HIS A 34 21.70 0.81 1.86
CA HIS A 34 20.72 -0.12 2.40
C HIS A 34 19.71 -0.48 1.32
N LEU A 35 19.30 -1.77 1.33
CA LEU A 35 18.35 -2.24 0.32
C LEU A 35 17.11 -1.38 0.27
N LEU A 36 16.59 -1.03 1.45
CA LEU A 36 15.41 -0.18 1.53
C LEU A 36 15.66 1.18 0.92
N ILE A 37 16.88 1.70 1.02
CA ILE A 37 17.20 3.01 0.44
C ILE A 37 17.36 2.89 -1.06
N ARG A 38 17.84 1.74 -1.54
CA ARG A 38 17.86 1.51 -2.98
C ARG A 38 16.44 1.47 -3.54
N GLN A 39 15.55 0.77 -2.85
CA GLN A 39 14.16 0.78 -3.28
C GLN A 39 13.61 2.20 -3.26
N MET A 40 13.99 2.97 -2.23
CA MET A 40 13.47 4.31 -2.09
C MET A 40 13.97 5.20 -3.21
N ARG A 41 15.25 5.11 -3.53
CA ARG A 41 15.78 5.79 -4.71
C ARG A 41 15.02 5.41 -5.97
N THR A 42 14.79 4.11 -6.21
CA THR A 42 14.16 3.77 -7.49
C THR A 42 12.77 4.39 -7.57
N PHE A 43 12.02 4.34 -6.48
CA PHE A 43 10.71 4.99 -6.50
C PHE A 43 10.86 6.48 -6.72
N LYS A 44 11.84 7.09 -6.05
CA LYS A 44 12.00 8.54 -6.14
C LYS A 44 12.40 8.95 -7.56
N ASP A 45 13.21 8.12 -8.22
CA ASP A 45 13.51 8.30 -9.63
C ASP A 45 12.24 8.28 -10.45
N VAL A 46 11.40 7.25 -10.29
CA VAL A 46 10.12 7.20 -11.00
C VAL A 46 9.34 8.51 -10.79
N PHE A 47 9.36 9.02 -9.55
CA PHE A 47 8.54 10.20 -9.23
C PHE A 47 9.09 11.46 -9.87
N VAL A 48 10.39 11.69 -9.72
CA VAL A 48 10.97 12.87 -10.34
C VAL A 48 10.84 12.77 -11.85
N SER A 49 10.83 11.55 -12.38
CA SER A 49 10.67 11.38 -13.82
C SER A 49 9.31 11.88 -14.29
N LEU A 50 8.24 11.57 -13.56
CA LEU A 50 6.92 12.08 -13.93
C LEU A 50 6.70 13.55 -13.51
N GLY A 51 7.74 14.26 -13.10
CA GLY A 51 7.63 15.68 -12.88
C GLY A 51 7.20 16.09 -11.49
N PHE A 52 7.29 15.17 -10.52
CA PHE A 52 6.75 15.37 -9.19
C PHE A 52 7.77 16.03 -8.26
N GLU A 53 7.27 16.82 -7.33
CA GLU A 53 8.06 17.57 -6.37
C GLU A 53 7.92 16.95 -4.99
N GLU A 54 9.05 16.71 -4.33
CA GLU A 54 9.02 16.12 -3.00
C GLU A 54 8.49 17.10 -1.97
N MET A 55 7.59 16.62 -1.13
CA MET A 55 7.03 17.33 0.00
C MET A 55 7.95 17.25 1.21
N ASN A 56 7.74 18.17 2.15
CA ASN A 56 8.45 18.10 3.42
C ASN A 56 7.71 17.14 4.37
N THR A 57 8.40 16.11 4.87
CA THR A 57 7.88 15.28 5.94
C THR A 57 8.84 15.20 7.15
N HIS A 58 9.60 16.28 7.41
CA HIS A 58 10.64 16.29 8.44
C HIS A 58 9.98 16.45 9.81
N ASN A 59 9.43 15.35 10.31
CA ASN A 59 8.79 15.30 11.61
C ASN A 59 8.24 13.90 11.85
N TYR A 60 8.30 13.43 13.10
CA TYR A 60 7.59 12.22 13.50
C TYR A 60 6.34 12.49 14.33
N VAL A 61 6.34 13.55 15.20
CA VAL A 61 5.16 13.95 15.96
C VAL A 61 4.20 14.72 15.06
N GLU A 62 2.93 14.39 15.14
CA GLU A 62 1.91 15.14 14.43
C GLU A 62 0.73 15.43 15.35
N SER A 63 0.21 16.63 15.27
CA SER A 63 -1.05 16.89 15.93
C SER A 63 -2.16 16.07 15.26
N SER A 64 -3.17 15.68 16.05
CA SER A 64 -4.29 14.94 15.47
C SER A 64 -5.11 15.79 14.49
N PHE A 65 -4.99 17.12 14.55
CA PHE A 65 -5.67 17.94 13.55
C PHE A 65 -5.18 17.60 12.15
N TRP A 66 -3.85 17.54 11.95
CA TRP A 66 -3.28 17.32 10.62
C TRP A 66 -3.36 15.87 10.21
N CYS A 67 -3.23 14.99 11.20
CA CYS A 67 -3.28 13.56 10.99
C CYS A 67 -4.70 13.04 10.85
N PHE A 68 -5.68 13.68 11.49
CA PHE A 68 -7.02 13.12 11.48
C PHE A 68 -8.09 14.13 11.07
N ASP A 69 -8.17 15.22 11.83
CA ASP A 69 -9.32 16.09 11.68
C ASP A 69 -9.34 16.83 10.34
N ALA A 70 -8.16 17.22 9.82
CA ALA A 70 -8.12 17.95 8.55
C ALA A 70 -8.31 17.03 7.35
N LEU A 71 -8.04 15.74 7.50
CA LEU A 71 -8.39 14.71 6.54
C LEU A 71 -9.85 14.28 6.63
N TYR A 72 -10.64 14.95 7.46
CA TYR A 72 -12.06 14.63 7.59
C TYR A 72 -12.28 13.21 8.09
N ILE A 73 -11.40 12.76 8.98
CA ILE A 73 -11.58 11.52 9.73
C ILE A 73 -12.20 11.85 11.08
N PRO A 74 -13.31 11.22 11.46
CA PRO A 74 -13.99 11.57 12.71
C PRO A 74 -13.14 11.21 13.93
N GLN A 75 -13.45 11.88 15.05
CA GLN A 75 -12.67 11.70 16.27
C GLN A 75 -12.97 10.40 16.99
N GLN A 76 -14.06 9.73 16.64
CA GLN A 76 -14.49 8.47 17.26
C GLN A 76 -14.31 7.29 16.28
N HIS A 77 -13.27 7.34 15.46
CA HIS A 77 -12.76 6.41 14.45
C HIS A 77 -11.70 5.51 15.07
N PRO A 78 -11.68 4.21 14.72
CA PRO A 78 -10.71 3.30 15.38
C PRO A 78 -9.27 3.66 15.15
N SER A 79 -8.96 4.49 14.14
CA SER A 79 -7.58 4.91 13.90
C SER A 79 -7.08 5.85 15.00
N ARG A 80 -7.99 6.46 15.75
CA ARG A 80 -7.66 7.44 16.78
C ARG A 80 -7.71 6.85 18.19
N ASP A 81 -7.53 5.56 18.29
CA ASP A 81 -7.62 4.87 19.52
C ASP A 81 -6.30 4.36 19.87
N LEU A 82 -6.01 4.39 21.13
CA LEU A 82 -4.78 3.93 21.73
C LEU A 82 -4.23 2.65 21.33
N GLN A 83 -5.08 1.71 21.08
CA GLN A 83 -4.70 0.47 20.61
C GLN A 83 -3.99 0.51 19.28
N ASP A 84 -4.37 1.39 18.37
CA ASP A 84 -3.76 1.37 17.07
C ASP A 84 -2.83 2.50 16.79
N THR A 85 -2.68 3.38 17.73
CA THR A 85 -1.91 4.59 17.50
C THR A 85 -1.06 4.89 18.71
N PHE A 86 0.19 5.27 18.46
CA PHE A 86 1.07 5.84 19.48
C PHE A 86 0.65 7.27 19.75
N PHE A 87 0.01 7.50 20.90
CA PHE A 87 -0.25 8.86 21.31
C PHE A 87 0.94 9.37 22.11
N ILE A 88 1.20 10.63 21.97
CA ILE A 88 2.32 11.28 22.61
C ILE A 88 1.93 11.66 24.03
N LYS A 89 2.87 11.42 24.96
CA LYS A 89 2.68 11.69 26.39
C LYS A 89 3.27 13.03 26.83
N VAL A 90 4.59 13.21 26.73
CA VAL A 90 5.18 14.39 27.34
C VAL A 90 4.84 15.63 26.51
N PRO A 91 5.25 15.72 25.17
CA PRO A 91 4.75 16.81 24.32
C PRO A 91 3.31 16.56 23.89
N GLU A 92 2.47 16.19 24.87
CA GLU A 92 1.14 15.62 24.62
C GLU A 92 0.30 16.51 23.72
N MET A 93 0.30 17.79 23.97
CA MET A 93 -0.49 18.66 23.12
C MET A 93 0.40 19.62 22.35
N CYS A 94 -0.11 20.02 21.20
CA CYS A 94 0.56 20.99 20.36
C CYS A 94 0.21 22.40 20.85
N GLN A 95 0.71 23.41 20.16
CA GLN A 95 0.37 24.79 20.48
C GLN A 95 -1.10 25.09 20.17
N GLU A 96 -1.76 25.85 21.05
CA GLU A 96 -3.01 26.50 20.64
C GLU A 96 -2.70 27.54 19.57
N GLU A 97 -3.67 27.76 18.69
CA GLU A 97 -3.48 28.64 17.53
C GLU A 97 -2.41 28.07 16.58
N PHE A 98 -2.48 26.74 16.37
CA PHE A 98 -1.79 26.05 15.27
C PHE A 98 -2.55 26.29 13.96
N THR A 99 -1.81 26.44 12.87
CA THR A 99 -2.45 26.95 11.65
C THR A 99 -3.37 28.14 11.93
N ASP A 100 -4.51 28.20 11.24
CA ASP A 100 -5.38 29.37 11.21
C ASP A 100 -6.72 29.05 11.84
N GLN A 101 -7.25 29.98 12.63
CA GLN A 101 -8.52 29.73 13.31
C GLN A 101 -9.66 29.58 12.33
N SER A 102 -9.59 30.26 11.18
CA SER A 102 -10.61 30.08 10.16
C SER A 102 -10.64 28.64 9.67
N TYR A 103 -9.47 28.07 9.40
CA TYR A 103 -9.42 26.68 8.98
C TYR A 103 -9.99 25.77 10.07
N ILE A 104 -9.52 25.92 11.31
CA ILE A 104 -10.05 25.12 12.41
C ILE A 104 -11.57 25.26 12.48
N GLU A 105 -12.08 26.46 12.26
CA GLU A 105 -13.52 26.68 12.28
C GLU A 105 -14.20 25.87 11.19
N ASN A 106 -13.66 25.93 9.97
CA ASN A 106 -14.22 25.17 8.85
C ASN A 106 -14.25 23.67 9.17
N VAL A 107 -13.19 23.17 9.80
CA VAL A 107 -13.12 21.74 10.07
C VAL A 107 -14.15 21.34 11.13
N LYS A 108 -14.24 22.12 12.22
CA LYS A 108 -15.28 21.84 13.22
C LYS A 108 -16.67 21.89 12.59
N ARG A 109 -16.90 22.91 11.76
CA ARG A 109 -18.22 23.10 11.16
C ARG A 109 -18.60 21.90 10.31
N VAL A 110 -17.69 21.44 9.44
CA VAL A 110 -18.03 20.33 8.58
C VAL A 110 -18.14 19.04 9.37
N HIS A 111 -17.25 18.83 10.33
CA HIS A 111 -17.30 17.60 11.12
C HIS A 111 -18.63 17.51 11.89
N SER A 112 -19.10 18.62 12.42
CA SER A 112 -20.26 18.53 13.30
C SER A 112 -21.57 18.70 12.52
N VAL A 113 -21.76 19.88 11.92
CA VAL A 113 -23.05 20.31 11.40
C VAL A 113 -23.08 20.33 9.87
N GLY A 114 -22.06 19.76 9.22
CA GLY A 114 -22.04 19.73 7.77
C GLY A 114 -21.80 21.07 7.10
N ASP A 115 -21.38 21.03 5.85
CA ASP A 115 -21.03 22.22 5.09
C ASP A 115 -20.75 21.76 3.67
N TYR A 116 -20.58 22.75 2.77
CA TYR A 116 -20.03 22.53 1.43
C TYR A 116 -20.81 21.47 0.65
N GLY A 117 -22.11 21.35 0.95
CA GLY A 117 -22.93 20.32 0.39
C GLY A 117 -22.88 19.00 1.12
N SER A 118 -21.90 18.81 2.01
CA SER A 118 -21.85 17.58 2.78
C SER A 118 -22.77 17.66 3.97
N PHE A 119 -23.27 16.48 4.36
CA PHE A 119 -24.08 16.38 5.56
C PHE A 119 -23.24 16.51 6.82
N GLY A 120 -21.95 16.17 6.74
CA GLY A 120 -21.08 16.21 7.89
C GLY A 120 -20.99 14.86 8.56
N TRP A 121 -20.71 14.85 9.87
CA TRP A 121 -20.72 13.62 10.65
C TRP A 121 -21.75 13.61 11.78
N ASN A 122 -22.41 14.73 12.08
CA ASN A 122 -23.49 14.77 13.05
C ASN A 122 -23.02 14.21 14.40
N TYR A 123 -21.80 14.55 14.78
CA TYR A 123 -21.37 14.56 16.16
C TYR A 123 -20.94 15.98 16.51
N GLN A 124 -20.47 16.19 17.74
CA GLN A 124 -20.00 17.51 18.15
C GLN A 124 -18.49 17.47 18.29
N TRP A 125 -17.81 18.22 17.45
CA TRP A 125 -16.37 18.19 17.41
C TRP A 125 -15.76 18.87 18.63
N GLU A 126 -14.67 18.28 19.14
CA GLU A 126 -13.98 18.78 20.32
C GLU A 126 -12.56 19.23 19.95
N LEU A 127 -12.33 20.54 20.02
CA LEU A 127 -11.00 21.09 19.83
C LEU A 127 -9.98 20.40 20.72
N LYS A 128 -10.38 19.93 21.91
CA LYS A 128 -9.42 19.34 22.83
C LYS A 128 -8.74 18.11 22.22
N SER A 129 -9.50 17.26 21.55
CA SER A 129 -8.87 16.06 21.00
C SER A 129 -7.98 16.39 19.82
N THR A 130 -8.34 17.42 19.04
CA THR A 130 -7.58 17.71 17.83
C THR A 130 -6.13 18.07 18.13
N LYS A 131 -5.83 18.45 19.36
CA LYS A 131 -4.51 18.95 19.73
C LYS A 131 -3.65 17.89 20.39
N LYS A 132 -4.07 16.64 20.39
CA LYS A 132 -3.27 15.58 21.01
C LYS A 132 -2.23 15.08 20.01
N ASN A 133 -0.97 15.16 20.39
CA ASN A 133 0.11 14.75 19.51
C ASN A 133 0.19 13.24 19.47
N VAL A 134 0.46 12.70 18.27
CA VAL A 134 0.68 11.28 18.04
C VAL A 134 2.01 11.12 17.30
N LEU A 135 2.45 9.87 17.17
CA LEU A 135 3.39 9.53 16.10
C LEU A 135 2.57 9.29 14.83
N ARG A 136 2.87 10.03 13.76
CA ARG A 136 2.03 10.01 12.57
C ARG A 136 1.84 8.58 12.05
N THR A 137 0.58 8.27 11.71
CA THR A 137 0.19 6.96 11.24
C THR A 137 0.37 6.83 9.74
N HIS A 138 0.39 7.96 9.05
CA HIS A 138 0.61 8.01 7.63
C HIS A 138 1.28 9.34 7.31
N THR A 139 1.82 9.47 6.10
CA THR A 139 2.29 10.76 5.65
C THR A 139 1.22 11.52 4.92
N THR A 140 0.01 10.96 4.83
CA THR A 140 -1.10 11.71 4.27
C THR A 140 -1.24 13.03 5.01
N ALA A 141 -0.88 13.02 6.30
CA ALA A 141 -0.85 14.21 7.14
C ALA A 141 -0.07 15.36 6.47
N ASN A 142 1.20 15.11 6.15
CA ASN A 142 2.04 16.15 5.55
C ASN A 142 1.52 16.57 4.18
N SER A 143 0.94 15.63 3.43
CA SER A 143 0.27 15.99 2.19
C SER A 143 -0.85 16.99 2.46
N CYS A 144 -1.56 16.82 3.59
CA CYS A 144 -2.66 17.72 3.91
C CYS A 144 -2.14 19.09 4.32
N ARG A 145 -1.03 19.12 5.08
CA ARG A 145 -0.33 20.38 5.35
C ARG A 145 -0.01 21.13 4.06
N ALA A 146 0.61 20.40 3.12
CA ALA A 146 1.06 20.99 1.86
C ALA A 146 -0.11 21.48 1.01
N LEU A 147 -1.15 20.63 0.89
CA LEU A 147 -2.38 21.03 0.24
C LEU A 147 -2.94 22.31 0.85
N PHE A 148 -2.89 22.42 2.20
CA PHE A 148 -3.40 23.63 2.84
C PHE A 148 -2.53 24.84 2.50
N GLN A 149 -1.21 24.67 2.43
CA GLN A 149 -0.39 25.85 2.16
C GLN A 149 -0.58 26.31 0.73
N LEU A 150 -0.75 25.38 -0.18
CA LEU A 150 -0.97 25.83 -1.55
C LEU A 150 -2.38 26.39 -1.74
N ALA A 151 -3.39 25.92 -0.99
CA ALA A 151 -4.68 26.61 -0.93
C ALA A 151 -4.52 28.04 -0.44
N LYS A 152 -3.84 28.22 0.71
CA LYS A 152 -3.71 29.53 1.32
C LYS A 152 -2.96 30.50 0.40
N GLU A 153 -2.01 30.00 -0.38
CA GLU A 153 -1.25 30.86 -1.28
C GLU A 153 -1.99 31.14 -2.59
N TYR A 154 -2.77 30.17 -3.08
CA TYR A 154 -3.53 30.41 -4.30
C TYR A 154 -4.79 31.23 -4.04
N GLN A 155 -5.26 31.30 -2.79
CA GLN A 155 -6.31 32.26 -2.45
C GLN A 155 -5.80 33.68 -2.57
N LYS A 156 -4.59 33.94 -2.05
CA LYS A 156 -3.98 35.25 -2.22
C LYS A 156 -3.66 35.52 -3.69
N THR A 157 -2.95 34.59 -4.35
CA THR A 157 -2.60 34.78 -5.75
C THR A 157 -3.84 34.82 -6.64
N GLY A 158 -4.90 34.11 -6.25
CA GLY A 158 -6.08 33.98 -7.08
C GLY A 158 -5.98 32.96 -8.19
N SER A 159 -4.83 32.28 -8.32
CA SER A 159 -4.54 31.40 -9.44
C SER A 159 -4.40 29.97 -8.94
N ILE A 160 -4.94 29.02 -9.71
CA ILE A 160 -4.87 27.60 -9.38
C ILE A 160 -3.82 26.99 -10.30
N ILE A 161 -2.60 26.83 -9.79
CA ILE A 161 -1.49 26.28 -10.56
C ILE A 161 -1.45 24.77 -10.33
N PRO A 162 -1.58 23.95 -11.38
CA PRO A 162 -1.47 22.49 -11.20
C PRO A 162 -0.10 22.08 -10.67
N LYS A 163 -0.09 21.11 -9.76
CA LYS A 163 1.17 20.68 -9.17
C LYS A 163 1.13 19.19 -8.85
N LYS A 164 2.31 18.61 -8.66
CA LYS A 164 2.46 17.20 -8.34
C LYS A 164 3.46 17.01 -7.19
N PHE A 165 3.07 16.19 -6.22
CA PHE A 165 3.83 16.04 -4.98
C PHE A 165 4.00 14.58 -4.64
N PHE A 166 5.17 14.25 -4.08
CA PHE A 166 5.44 12.92 -3.55
C PHE A 166 6.21 13.04 -2.24
N SER A 167 6.12 11.98 -1.44
CA SER A 167 6.87 11.89 -0.20
C SER A 167 7.20 10.42 0.03
N ILE A 168 8.37 10.16 0.59
CA ILE A 168 8.67 8.84 1.11
C ILE A 168 9.21 9.01 2.52
N ASP A 169 8.51 8.46 3.52
CA ASP A 169 9.00 8.65 4.87
C ASP A 169 8.40 7.65 5.85
N ARG A 170 9.05 7.54 7.01
CA ARG A 170 8.65 6.61 8.05
C ARG A 170 7.34 7.04 8.72
N VAL A 171 6.54 6.04 9.09
CA VAL A 171 5.35 6.22 9.88
C VAL A 171 5.31 5.09 10.88
N PHE A 172 4.38 5.21 11.83
CA PHE A 172 4.37 4.41 13.04
C PHE A 172 2.97 3.87 13.25
N ARG A 173 2.91 2.62 13.72
CA ARG A 173 1.67 1.96 14.12
C ARG A 173 1.94 1.20 15.41
N ASN A 174 0.97 1.24 16.33
CA ASN A 174 1.07 0.50 17.57
C ASN A 174 0.63 -0.95 17.38
N GLU A 175 1.30 -1.64 16.45
CA GLU A 175 1.13 -3.08 16.34
C GLU A 175 1.86 -3.77 17.50
N ASN A 176 1.69 -5.05 17.62
CA ASN A 176 2.37 -5.74 18.67
C ASN A 176 3.84 -5.99 18.48
N LEU A 177 4.38 -6.65 19.47
CA LEU A 177 5.76 -7.03 19.53
C LEU A 177 5.91 -8.46 19.06
N ASP A 178 4.86 -9.06 18.55
CA ASP A 178 4.97 -10.40 18.11
C ASP A 178 4.98 -10.50 16.61
N SER A 179 5.44 -9.45 16.00
CA SER A 179 5.64 -9.41 14.60
C SER A 179 4.47 -9.72 13.73
N THR A 180 3.27 -9.34 14.15
CA THR A 180 2.09 -9.54 13.31
C THR A 180 2.35 -8.69 12.07
N HIS A 181 2.72 -7.44 12.33
CA HIS A 181 3.10 -6.48 11.34
C HIS A 181 4.28 -5.75 11.91
N LEU A 182 4.47 -4.56 11.42
CA LEU A 182 5.62 -3.78 11.83
C LEU A 182 5.17 -2.63 12.69
N ALA A 183 6.01 -2.24 13.66
CA ALA A 183 5.71 -1.03 14.45
C ALA A 183 5.96 0.23 13.61
N GLU A 184 7.02 0.21 12.79
CA GLU A 184 7.41 1.30 11.92
C GLU A 184 7.47 0.77 10.49
N PHE A 185 7.23 1.65 9.52
CA PHE A 185 7.50 1.32 8.11
C PHE A 185 7.44 2.58 7.30
N HIS A 186 8.01 2.53 6.10
CA HIS A 186 8.04 3.71 5.25
C HIS A 186 6.89 3.64 4.25
N GLN A 187 6.25 4.80 4.04
CA GLN A 187 5.12 4.96 3.14
C GLN A 187 5.53 5.87 1.99
N VAL A 188 5.08 5.51 0.79
CA VAL A 188 5.24 6.27 -0.45
C VAL A 188 3.90 6.89 -0.81
N GLU A 189 3.87 8.21 -0.95
CA GLU A 189 2.64 8.89 -1.34
C GLU A 189 2.92 9.80 -2.51
N GLY A 190 1.95 9.86 -3.42
CA GLY A 190 1.94 10.87 -4.45
C GLY A 190 0.54 11.43 -4.62
N LEU A 191 0.50 12.64 -5.18
CA LEU A 191 -0.78 13.26 -5.47
C LEU A 191 -0.58 14.33 -6.53
N ILE A 192 -1.69 14.68 -7.18
CA ILE A 192 -1.75 15.70 -8.21
C ILE A 192 -2.92 16.63 -7.88
N ILE A 193 -2.72 17.93 -8.06
CA ILE A 193 -3.75 18.93 -7.81
C ILE A 193 -3.95 19.74 -9.09
N ASP A 194 -5.22 19.89 -9.51
CA ASP A 194 -5.58 20.68 -10.69
C ASP A 194 -7.09 20.93 -10.73
N ARG A 195 -7.63 21.27 -11.91
CA ARG A 195 -9.06 21.51 -12.07
C ARG A 195 -9.72 20.27 -12.68
N ASN A 196 -10.80 19.81 -12.05
CA ASN A 196 -11.70 18.83 -12.66
C ASN A 196 -11.00 17.51 -12.96
N LEU A 197 -10.49 16.86 -11.92
CA LEU A 197 -9.86 15.56 -12.08
C LEU A 197 -10.76 14.46 -11.55
N GLY A 198 -10.38 13.24 -11.86
CA GLY A 198 -11.23 12.11 -11.57
C GLY A 198 -10.51 10.82 -11.91
N LEU A 199 -11.24 9.71 -11.73
CA LEU A 199 -10.61 8.40 -11.71
C LEU A 199 -9.91 8.08 -13.02
N SER A 200 -10.35 8.66 -14.14
CA SER A 200 -9.62 8.47 -15.38
C SER A 200 -8.16 8.92 -15.24
N HIS A 201 -7.94 10.09 -14.62
CA HIS A 201 -6.59 10.59 -14.44
C HIS A 201 -5.81 9.75 -13.45
N LEU A 202 -6.49 9.31 -12.38
CA LEU A 202 -5.84 8.44 -11.41
C LEU A 202 -5.33 7.18 -12.09
N ILE A 203 -6.14 6.55 -12.94
CA ILE A 203 -5.73 5.30 -13.59
C ILE A 203 -4.63 5.55 -14.62
N GLY A 204 -4.69 6.68 -15.33
CA GLY A 204 -3.54 7.10 -16.13
C GLY A 204 -2.22 7.10 -15.37
N THR A 205 -2.08 8.07 -14.45
CA THR A 205 -0.83 8.16 -13.71
C THR A 205 -0.50 6.88 -12.96
N LEU A 206 -1.51 6.11 -12.58
CA LEU A 206 -1.25 4.87 -11.87
C LEU A 206 -0.56 3.86 -12.77
N SER A 207 -1.11 3.63 -13.96
CA SER A 207 -0.46 2.67 -14.87
C SER A 207 0.89 3.19 -15.33
N ALA A 208 1.04 4.52 -15.43
CA ALA A 208 2.34 5.12 -15.71
C ALA A 208 3.38 4.68 -14.69
N PHE A 209 3.19 5.22 -13.49
CA PHE A 209 3.89 4.84 -12.27
C PHE A 209 4.23 3.35 -12.24
N TYR A 210 3.25 2.48 -12.44
CA TYR A 210 3.47 1.08 -12.13
C TYR A 210 4.18 0.32 -13.25
N LYS A 211 3.89 0.63 -14.51
CA LYS A 211 4.73 0.08 -15.56
C LYS A 211 6.19 0.48 -15.34
N TYR A 212 6.43 1.72 -14.89
CA TYR A 212 7.77 2.21 -14.56
C TYR A 212 8.52 1.33 -13.57
N ILE A 213 7.84 0.38 -12.95
CA ILE A 213 8.48 -0.64 -12.13
C ILE A 213 8.09 -2.05 -12.59
N GLY A 214 7.59 -2.16 -13.81
CA GLY A 214 7.43 -3.48 -14.39
C GLY A 214 6.16 -4.20 -14.00
N ILE A 215 5.06 -3.47 -14.12
CA ILE A 215 3.73 -4.00 -13.91
C ILE A 215 2.88 -3.33 -14.97
N SER A 216 2.67 -4.04 -16.07
CA SER A 216 2.02 -3.41 -17.21
C SER A 216 0.50 -3.52 -17.15
N LYS A 217 -0.02 -4.47 -16.38
CA LYS A 217 -1.47 -4.69 -16.28
C LYS A 217 -1.95 -4.31 -14.88
N LEU A 218 -3.05 -3.56 -14.82
CA LEU A 218 -3.63 -3.15 -13.55
C LEU A 218 -5.10 -3.53 -13.46
N ARG A 219 -5.55 -3.79 -12.24
CA ARG A 219 -6.97 -3.98 -11.94
C ARG A 219 -7.30 -3.16 -10.68
N PHE A 220 -8.59 -2.84 -10.52
CA PHE A 220 -8.99 -1.86 -9.50
C PHE A 220 -10.25 -2.32 -8.78
N LYS A 221 -10.17 -2.39 -7.47
CA LYS A 221 -11.27 -2.81 -6.62
C LYS A 221 -11.81 -1.60 -5.87
N PRO A 222 -13.12 -1.34 -5.86
CA PRO A 222 -13.63 -0.33 -4.92
C PRO A 222 -13.27 -0.76 -3.50
N THR A 223 -12.76 0.19 -2.71
CA THR A 223 -12.68 -0.04 -1.27
C THR A 223 -12.94 1.28 -0.55
N PHE A 224 -12.82 1.28 0.78
CA PHE A 224 -13.18 2.44 1.58
C PHE A 224 -11.95 3.11 2.18
N ASN A 225 -11.90 4.44 2.07
CA ASN A 225 -10.99 5.27 2.84
C ASN A 225 -11.80 6.48 3.29
N PRO A 226 -11.57 6.94 4.51
CA PRO A 226 -12.32 8.11 5.00
C PRO A 226 -11.89 9.43 4.37
N TYR A 227 -10.70 9.52 3.78
CA TYR A 227 -10.29 10.76 3.15
C TYR A 227 -10.46 10.78 1.63
N THR A 228 -10.90 9.67 1.03
CA THR A 228 -10.88 9.54 -0.42
C THR A 228 -12.18 8.89 -0.89
N GLU A 229 -13.04 9.67 -1.54
CA GLU A 229 -14.19 9.13 -2.26
C GLU A 229 -14.22 9.71 -3.68
N PRO A 230 -14.22 8.87 -4.73
CA PRO A 230 -14.06 7.42 -4.72
C PRO A 230 -12.66 6.96 -4.29
N SER A 231 -12.54 5.67 -3.99
CA SER A 231 -11.26 5.08 -3.64
C SER A 231 -11.22 3.66 -4.21
N MET A 232 -10.00 3.21 -4.55
CA MET A 232 -9.82 1.90 -5.17
C MET A 232 -8.53 1.27 -4.67
N GLU A 233 -8.63 0.03 -4.19
CA GLU A 233 -7.48 -0.84 -4.06
C GLU A 233 -6.92 -1.13 -5.45
N VAL A 234 -5.59 -1.15 -5.57
CA VAL A 234 -4.91 -1.34 -6.85
C VAL A 234 -4.19 -2.67 -6.83
N TYR A 235 -4.50 -3.51 -7.80
CA TYR A 235 -3.77 -4.73 -8.02
C TYR A 235 -2.99 -4.61 -9.33
N GLY A 236 -1.85 -5.28 -9.36
CA GLY A 236 -1.01 -5.29 -10.55
C GLY A 236 -0.44 -6.68 -10.78
N TYR A 237 -0.22 -7.01 -12.05
CA TYR A 237 0.28 -8.32 -12.40
C TYR A 237 1.81 -8.31 -12.47
N HIS A 238 2.45 -9.10 -11.60
CA HIS A 238 3.90 -9.24 -11.56
C HIS A 238 4.36 -10.21 -12.64
N GLU A 239 5.13 -9.72 -13.61
CA GLU A 239 5.46 -10.59 -14.75
C GLU A 239 6.34 -11.74 -14.30
N GLU A 240 7.47 -11.42 -13.64
CA GLU A 240 8.50 -12.42 -13.37
C GLU A 240 8.01 -13.56 -12.46
N ASN A 241 6.88 -13.38 -11.78
CA ASN A 241 6.31 -14.44 -10.94
C ASN A 241 4.90 -14.76 -11.42
N LYS A 242 4.19 -15.57 -10.65
CA LYS A 242 3.00 -16.22 -11.17
C LYS A 242 1.79 -15.30 -11.17
N LYS A 243 1.60 -14.49 -10.14
CA LYS A 243 0.28 -14.00 -9.77
C LYS A 243 0.19 -12.48 -9.78
N TRP A 244 -1.05 -12.01 -9.58
CA TRP A 244 -1.37 -10.62 -9.27
C TRP A 244 -1.17 -10.33 -7.79
N LEU A 245 -0.78 -9.10 -7.51
CA LEU A 245 -0.54 -8.63 -6.16
C LEU A 245 -1.35 -7.38 -5.89
N GLU A 246 -1.66 -7.17 -4.61
CA GLU A 246 -2.05 -5.85 -4.14
C GLU A 246 -0.81 -4.98 -4.08
N VAL A 247 -0.79 -3.88 -4.82
CA VAL A 247 0.40 -3.04 -4.92
C VAL A 247 0.19 -1.62 -4.41
N GLY A 248 -1.04 -1.13 -4.30
CA GLY A 248 -1.24 0.21 -3.80
C GLY A 248 -2.66 0.46 -3.31
N ASN A 249 -2.87 1.67 -2.76
CA ASN A 249 -4.21 2.16 -2.45
C ASN A 249 -4.30 3.60 -2.94
N SER A 250 -5.52 4.07 -3.26
CA SER A 250 -5.64 5.40 -3.83
C SER A 250 -7.09 5.86 -3.89
N GLY A 251 -7.25 7.13 -4.25
CA GLY A 251 -8.56 7.68 -4.61
C GLY A 251 -8.51 9.17 -4.88
N ILE A 252 -9.68 9.79 -4.80
CA ILE A 252 -9.84 11.24 -4.90
C ILE A 252 -10.24 11.80 -3.52
N PHE A 253 -9.53 12.84 -3.07
CA PHE A 253 -9.78 13.37 -1.75
C PHE A 253 -11.20 13.94 -1.68
N ARG A 254 -11.76 13.89 -0.47
CA ARG A 254 -13.14 14.29 -0.27
C ARG A 254 -13.28 15.81 -0.38
N PRO A 255 -14.48 16.30 -0.73
CA PRO A 255 -14.71 17.76 -0.71
C PRO A 255 -14.59 18.35 0.68
N GLU A 256 -15.08 17.64 1.69
CA GLU A 256 -14.98 18.13 3.06
C GLU A 256 -13.54 18.40 3.45
N MET A 257 -12.60 17.66 2.89
CA MET A 257 -11.20 17.89 3.24
C MET A 257 -10.68 19.15 2.57
N LEU A 258 -10.88 19.26 1.25
CA LEU A 258 -10.25 20.30 0.44
C LEU A 258 -10.96 21.63 0.59
N ARG A 259 -12.26 21.60 0.38
CA ARG A 259 -13.06 22.82 0.44
C ARG A 259 -12.96 23.49 1.82
N ALA A 260 -12.73 22.71 2.88
CA ALA A 260 -12.48 23.32 4.18
C ALA A 260 -11.21 24.15 4.08
N MET A 261 -10.29 23.73 3.24
CA MET A 261 -9.02 24.42 3.05
C MET A 261 -9.21 25.77 2.38
N GLY A 262 -10.08 25.82 1.38
CA GLY A 262 -10.32 27.06 0.68
C GLY A 262 -10.56 26.83 -0.79
N PHE A 263 -10.26 25.62 -1.25
CA PHE A 263 -10.39 25.30 -2.65
C PHE A 263 -11.84 25.45 -3.11
N PRO A 264 -12.06 25.85 -4.36
CA PRO A 264 -13.41 25.81 -4.94
C PRO A 264 -13.70 24.42 -5.44
N PRO A 265 -14.96 24.11 -5.78
CA PRO A 265 -15.27 22.75 -6.27
C PRO A 265 -14.57 22.42 -7.59
N GLU A 266 -14.10 23.42 -8.33
CA GLU A 266 -13.29 23.16 -9.52
C GLU A 266 -12.10 22.29 -9.15
N VAL A 267 -11.39 22.66 -8.08
CA VAL A 267 -10.15 22.00 -7.73
C VAL A 267 -10.43 20.56 -7.31
N SER A 268 -9.61 19.64 -7.79
CA SER A 268 -9.59 18.33 -7.20
C SER A 268 -8.16 17.81 -7.15
N VAL A 269 -7.98 16.83 -6.27
CA VAL A 269 -6.70 16.23 -5.98
C VAL A 269 -6.87 14.72 -6.10
N ILE A 270 -5.95 14.10 -6.79
CA ILE A 270 -5.91 12.65 -6.87
C ILE A 270 -4.69 12.20 -6.10
N ALA A 271 -4.79 11.08 -5.40
CA ALA A 271 -3.63 10.65 -4.62
C ALA A 271 -3.60 9.14 -4.49
N TRP A 272 -2.40 8.64 -4.23
CA TRP A 272 -2.19 7.22 -4.07
C TRP A 272 -1.02 7.04 -3.11
N GLY A 273 -0.92 5.84 -2.56
CA GLY A 273 0.13 5.52 -1.61
C GLY A 273 0.37 4.03 -1.58
N LEU A 274 1.50 3.66 -1.01
CA LEU A 274 1.96 2.27 -1.04
C LEU A 274 3.14 2.12 -0.10
N SER A 275 3.51 0.87 0.16
CA SER A 275 4.65 0.58 1.03
C SER A 275 5.96 0.72 0.27
N LEU A 276 7.02 0.94 1.04
CA LEU A 276 8.37 0.72 0.58
C LEU A 276 8.87 -0.67 0.91
N GLU A 277 8.51 -1.19 2.08
CA GLU A 277 9.07 -2.45 2.57
C GLU A 277 8.67 -3.61 1.67
N ARG A 278 7.42 -3.68 1.25
CA ARG A 278 6.93 -4.83 0.50
C ARG A 278 7.64 -4.99 -0.86
N PRO A 279 7.67 -3.96 -1.75
CA PRO A 279 8.59 -4.01 -2.90
C PRO A 279 9.97 -4.49 -2.55
N THR A 280 10.57 -3.94 -1.50
CA THR A 280 11.92 -4.35 -1.17
C THR A 280 12.00 -5.84 -0.93
N MET A 281 11.15 -6.36 -0.05
CA MET A 281 11.40 -7.76 0.24
C MET A 281 10.89 -8.68 -0.86
N ILE A 282 10.19 -8.13 -1.86
CA ILE A 282 9.82 -8.94 -3.02
C ILE A 282 10.96 -8.96 -4.03
N LYS A 283 11.52 -7.79 -4.34
CA LYS A 283 12.60 -7.66 -5.32
C LYS A 283 13.83 -8.46 -4.91
N TYR A 284 14.19 -8.39 -3.63
CA TYR A 284 15.36 -9.06 -3.09
C TYR A 284 15.00 -10.38 -2.41
N SER A 285 13.76 -10.82 -2.55
CA SER A 285 13.35 -12.14 -2.05
C SER A 285 13.68 -12.29 -0.57
N ILE A 286 13.43 -11.22 0.18
CA ILE A 286 13.59 -11.26 1.63
C ILE A 286 12.41 -12.02 2.24
N ARG A 287 12.71 -12.97 3.11
CA ARG A 287 11.66 -13.79 3.68
C ARG A 287 10.80 -12.96 4.63
N ASN A 288 11.33 -12.66 5.81
CA ASN A 288 10.57 -11.99 6.85
C ASN A 288 11.19 -10.63 7.13
N ILE A 289 10.38 -9.72 7.68
CA ILE A 289 10.76 -8.30 7.74
C ILE A 289 12.01 -8.12 8.59
N ARG A 290 12.20 -8.94 9.62
CA ARG A 290 13.31 -8.64 10.52
C ARG A 290 14.66 -8.99 9.92
N ASP A 291 14.77 -9.50 8.69
CA ASP A 291 16.06 -9.71 8.06
C ASP A 291 16.48 -8.57 7.17
N LEU A 292 15.61 -7.59 7.00
CA LEU A 292 15.91 -6.38 6.26
C LEU A 292 16.34 -5.25 7.20
N PHE A 293 15.39 -4.77 7.99
CA PHE A 293 15.43 -3.56 8.79
C PHE A 293 15.40 -3.95 10.26
N GLY A 294 15.93 -3.08 11.13
CA GLY A 294 15.99 -3.34 12.55
C GLY A 294 17.37 -3.83 12.98
N TYR A 295 17.52 -3.97 14.30
CA TYR A 295 18.83 -4.28 14.86
C TYR A 295 19.35 -5.64 14.40
N ARG A 296 18.49 -6.54 14.04
CA ARG A 296 18.97 -7.81 13.59
C ARG A 296 18.66 -7.83 12.15
N SER A 297 19.43 -7.08 11.36
CA SER A 297 19.21 -7.00 9.94
C SER A 297 20.45 -7.13 9.15
N VAL A 298 21.42 -7.87 9.59
CA VAL A 298 22.61 -7.97 8.80
C VAL A 298 22.38 -8.60 7.48
N ILE A 299 23.03 -8.09 6.46
CA ILE A 299 22.94 -8.63 5.14
C ILE A 299 21.55 -8.90 4.61
N MET B 1 -7.57 -4.73 7.65
CA MET B 1 -8.71 -3.89 7.98
C MET B 1 -10.05 -4.54 7.58
N GLY B 2 -11.16 -3.92 7.97
CA GLY B 2 -12.49 -4.39 7.60
C GLY B 2 -13.03 -5.47 8.53
N PRO B 3 -14.37 -5.51 8.69
CA PRO B 3 -14.98 -6.55 9.55
C PRO B 3 -15.31 -7.84 8.82
N THR B 4 -14.82 -8.97 9.32
CA THR B 4 -15.09 -10.27 8.70
C THR B 4 -16.44 -10.80 9.18
N ILE B 5 -17.39 -10.84 8.26
CA ILE B 5 -18.64 -11.56 8.43
C ILE B 5 -18.38 -13.06 8.35
N SER B 6 -18.98 -13.81 9.28
CA SER B 6 -19.06 -15.27 9.19
C SER B 6 -20.49 -15.62 8.78
N VAL B 7 -20.70 -15.82 7.47
CA VAL B 7 -21.97 -16.31 6.97
C VAL B 7 -21.80 -17.78 6.61
N HIS B 8 -22.91 -18.44 6.29
CA HIS B 8 -22.90 -19.86 6.00
C HIS B 8 -22.49 -20.10 4.53
N GLU B 9 -22.61 -21.36 4.09
CA GLU B 9 -22.48 -21.77 2.69
C GLU B 9 -23.72 -22.47 2.17
N GLU B 10 -24.41 -23.24 3.03
CA GLU B 10 -25.81 -23.53 2.79
C GLU B 10 -26.61 -22.25 2.57
N ASP B 11 -25.87 -21.21 2.90
CA ASP B 11 -26.20 -19.81 2.90
C ASP B 11 -26.91 -19.38 1.67
N LEU B 12 -26.34 -19.79 0.57
CA LEU B 12 -26.87 -19.45 -0.71
C LEU B 12 -28.30 -19.89 -0.82
N ILE B 13 -29.14 -18.91 -1.01
CA ILE B 13 -30.53 -19.10 -1.11
C ILE B 13 -31.01 -18.58 -2.42
N GLU B 14 -32.32 -18.39 -2.45
CA GLU B 14 -33.12 -17.81 -3.53
C GLU B 14 -32.80 -16.40 -3.72
N LYS B 15 -32.58 -15.79 -2.57
CA LYS B 15 -32.19 -14.44 -2.35
C LYS B 15 -31.16 -14.30 -3.34
N LEU B 16 -30.34 -15.34 -3.45
CA LEU B 16 -29.33 -15.13 -4.47
C LEU B 16 -29.95 -15.16 -5.86
N GLY B 17 -30.82 -16.13 -6.13
CA GLY B 17 -31.55 -16.17 -7.38
C GLY B 17 -30.91 -17.03 -8.46
N GLU B 18 -29.59 -17.01 -8.54
CA GLU B 18 -28.86 -17.87 -9.47
C GLU B 18 -28.14 -19.01 -8.78
N LYS B 19 -27.84 -18.88 -7.49
CA LYS B 19 -26.84 -19.72 -6.82
C LYS B 19 -25.61 -19.88 -7.72
N ILE B 20 -25.06 -18.73 -8.14
CA ILE B 20 -23.83 -18.72 -8.90
C ILE B 20 -22.66 -19.05 -7.98
N GLU B 21 -21.69 -19.78 -8.49
CA GLU B 21 -20.69 -20.36 -7.62
C GLU B 21 -19.41 -19.55 -7.65
N GLU B 22 -18.42 -20.04 -6.91
CA GLU B 22 -17.35 -19.20 -6.36
C GLU B 22 -16.77 -18.25 -7.41
N GLU B 23 -16.46 -18.77 -8.61
CA GLU B 23 -15.54 -18.09 -9.52
C GLU B 23 -16.09 -16.77 -10.03
N LYS B 24 -17.39 -16.68 -10.33
CA LYS B 24 -18.00 -15.43 -10.80
C LYS B 24 -18.49 -14.58 -9.63
N LEU B 25 -18.80 -15.22 -8.48
CA LEU B 25 -18.92 -14.47 -7.24
C LEU B 25 -17.65 -13.66 -6.97
N ASN B 26 -16.50 -14.16 -7.38
CA ASN B 26 -15.25 -13.48 -7.08
C ASN B 26 -15.10 -12.21 -7.90
N ASP B 27 -15.34 -12.27 -9.21
CA ASP B 27 -15.27 -11.04 -9.96
C ASP B 27 -16.45 -10.13 -9.62
N ILE B 28 -17.54 -10.70 -9.10
CA ILE B 28 -18.65 -9.88 -8.64
C ILE B 28 -18.26 -9.08 -7.39
N CYS B 29 -17.62 -9.73 -6.41
CA CYS B 29 -17.17 -9.00 -5.21
C CYS B 29 -16.06 -8.03 -5.55
N PHE B 30 -15.06 -8.45 -6.34
CA PHE B 30 -14.03 -7.55 -6.79
C PHE B 30 -14.66 -6.32 -7.45
N GLU B 31 -15.58 -6.53 -8.40
CA GLU B 31 -16.27 -5.43 -9.04
C GLU B 31 -17.12 -4.64 -8.06
N PHE B 32 -17.50 -5.25 -6.94
CA PHE B 32 -18.36 -4.63 -5.93
C PHE B 32 -17.58 -3.98 -4.78
N GLY B 33 -16.53 -4.62 -4.28
CA GLY B 33 -15.73 -3.99 -3.24
C GLY B 33 -15.48 -4.91 -2.07
N ILE B 34 -15.94 -6.15 -2.21
CA ILE B 34 -15.81 -7.19 -1.19
C ILE B 34 -14.68 -8.13 -1.56
N GLU B 35 -13.96 -8.61 -0.56
CA GLU B 35 -13.00 -9.68 -0.74
C GLU B 35 -13.53 -10.89 0.00
N ILE B 36 -13.62 -12.03 -0.67
CA ILE B 36 -14.05 -13.26 -0.03
C ILE B 36 -12.86 -13.81 0.75
N ASP B 37 -12.90 -13.68 2.08
CA ASP B 37 -11.69 -13.88 2.89
C ASP B 37 -11.33 -15.36 3.02
N ASP B 38 -12.30 -16.20 3.40
CA ASP B 38 -11.98 -17.59 3.68
C ASP B 38 -13.28 -18.41 3.64
N VAL B 39 -13.11 -19.74 3.62
CA VAL B 39 -14.19 -20.70 3.85
C VAL B 39 -13.66 -21.78 4.78
N GLU B 40 -14.44 -22.13 5.81
CA GLU B 40 -14.01 -23.05 6.85
C GLU B 40 -15.24 -23.66 7.53
N TYR B 41 -15.22 -24.98 7.71
CA TYR B 41 -16.39 -25.73 8.16
C TYR B 41 -16.53 -25.71 9.69
N LYS B 42 -17.65 -26.28 10.14
CA LYS B 42 -17.90 -26.58 11.55
C LYS B 42 -18.92 -27.70 11.63
N LYS B 45 -21.15 -26.59 7.94
CA LYS B 45 -20.21 -27.08 6.94
C LYS B 45 -19.90 -26.01 5.87
N LYS B 46 -18.64 -25.56 5.85
CA LYS B 46 -18.03 -24.75 4.78
C LYS B 46 -18.42 -23.27 4.89
N ILE B 47 -18.42 -22.72 6.11
CA ILE B 47 -18.80 -21.33 6.32
C ILE B 47 -18.00 -20.41 5.40
N TYR B 48 -18.65 -19.34 4.92
CA TYR B 48 -17.99 -18.31 4.11
C TYR B 48 -17.77 -17.07 4.96
N LYS B 49 -16.51 -16.77 5.27
CA LYS B 49 -16.16 -15.53 5.95
C LYS B 49 -15.70 -14.53 4.89
N ILE B 50 -16.36 -13.38 4.86
CA ILE B 50 -16.15 -12.32 3.88
C ILE B 50 -15.85 -11.02 4.62
N GLU B 51 -15.43 -10.00 3.88
CA GLU B 51 -15.23 -8.70 4.51
C GLU B 51 -15.91 -7.62 3.70
N VAL B 52 -16.44 -6.62 4.39
CA VAL B 52 -17.29 -5.58 3.82
C VAL B 52 -16.77 -4.23 4.26
N PRO B 53 -17.13 -3.17 3.53
CA PRO B 53 -16.68 -1.82 3.90
C PRO B 53 -17.03 -1.51 5.35
N ALA B 54 -16.11 -0.84 6.03
CA ALA B 54 -16.36 -0.46 7.42
C ALA B 54 -17.44 0.60 7.56
N ASN B 55 -17.83 1.26 6.46
CA ASN B 55 -18.72 2.41 6.54
C ASN B 55 -20.16 2.13 6.10
N ARG B 56 -20.44 0.98 5.51
CA ARG B 56 -21.78 0.62 5.03
C ARG B 56 -22.33 -0.37 6.00
N TYR B 57 -22.80 0.16 7.07
CA TYR B 57 -23.30 -0.70 8.13
C TYR B 57 -24.50 -1.53 7.72
N ASP B 58 -25.11 -1.26 6.56
CA ASP B 58 -26.20 -2.09 6.06
C ASP B 58 -25.69 -3.34 5.36
N LEU B 59 -24.39 -3.64 5.48
CA LEU B 59 -23.79 -4.88 4.97
C LEU B 59 -23.10 -5.68 6.07
N VAL B 60 -23.56 -5.59 7.32
CA VAL B 60 -22.90 -6.31 8.41
C VAL B 60 -23.64 -7.60 8.79
N CYS B 61 -24.80 -7.85 8.21
CA CYS B 61 -25.53 -9.10 8.34
C CYS B 61 -25.78 -9.72 6.97
N VAL B 62 -26.05 -11.04 6.97
CA VAL B 62 -26.24 -11.78 5.72
C VAL B 62 -27.38 -11.19 4.91
N GLU B 63 -28.41 -10.70 5.58
CA GLU B 63 -29.58 -10.16 4.90
C GLU B 63 -29.24 -8.87 4.16
N GLY B 64 -28.42 -8.01 4.77
CA GLY B 64 -28.01 -6.78 4.11
C GLY B 64 -27.13 -7.02 2.89
N LEU B 65 -26.26 -8.03 2.96
CA LEU B 65 -25.51 -8.42 1.77
C LEU B 65 -26.46 -8.96 0.70
N CYS B 66 -27.23 -9.99 1.05
CA CYS B 66 -28.10 -10.69 0.10
C CYS B 66 -28.72 -9.73 -0.90
N ARG B 67 -29.54 -8.79 -0.42
CA ARG B 67 -30.30 -7.95 -1.34
C ARG B 67 -29.40 -6.94 -2.06
N ALA B 68 -28.35 -6.46 -1.39
CA ALA B 68 -27.42 -5.54 -2.05
C ALA B 68 -26.80 -6.20 -3.27
N LEU B 69 -26.06 -7.30 -3.04
CA LEU B 69 -25.46 -8.05 -4.14
C LEU B 69 -26.51 -8.53 -5.12
N LYS B 70 -27.73 -8.81 -4.64
CA LYS B 70 -28.80 -9.21 -5.54
C LYS B 70 -29.10 -8.10 -6.55
N SER B 71 -29.40 -6.90 -6.04
CA SER B 71 -29.60 -5.76 -6.92
C SER B 71 -28.40 -5.54 -7.83
N PHE B 72 -27.19 -5.79 -7.34
CA PHE B 72 -25.98 -5.55 -8.13
C PHE B 72 -26.04 -6.06 -9.55
N ILE B 73 -26.96 -6.98 -9.75
CA ILE B 73 -27.18 -7.49 -11.07
C ILE B 73 -28.62 -7.78 -11.42
N GLY B 74 -29.31 -8.34 -10.45
CA GLY B 74 -30.62 -8.95 -10.56
C GLY B 74 -31.78 -8.01 -10.72
N LYS B 75 -32.15 -7.28 -9.66
CA LYS B 75 -33.31 -6.40 -9.69
C LYS B 75 -33.17 -5.33 -8.62
N TYR B 76 -33.83 -4.19 -8.83
CA TYR B 76 -33.84 -3.17 -7.78
C TYR B 76 -34.70 -3.60 -6.62
N GLU B 77 -35.86 -4.20 -6.91
CA GLU B 77 -36.83 -4.67 -5.91
C GLU B 77 -37.11 -3.57 -4.88
N ASN B 78 -37.81 -2.53 -5.34
CA ASN B 78 -38.03 -1.31 -4.57
C ASN B 78 -38.69 -1.62 -3.23
N VAL B 79 -37.88 -1.53 -2.15
CA VAL B 79 -38.23 -2.06 -0.83
C VAL B 79 -39.43 -1.30 -0.25
N SER B 80 -40.19 -2.01 0.56
CA SER B 80 -41.38 -1.48 1.23
C SER B 80 -41.13 -1.35 2.72
N TYR B 81 -41.54 -0.22 3.28
CA TYR B 81 -41.54 0.03 4.71
C TYR B 81 -42.98 0.25 5.17
N ALA B 82 -43.19 0.25 6.50
CA ALA B 82 -44.50 0.47 7.08
C ALA B 82 -44.41 0.81 8.56
N LEU B 83 -44.21 2.09 8.89
CA LEU B 83 -43.99 2.51 10.27
C LEU B 83 -45.32 2.91 10.90
N LEU B 84 -45.95 1.95 11.58
CA LEU B 84 -47.30 2.13 12.10
C LEU B 84 -47.26 2.95 13.39
N THR B 85 -48.41 3.12 14.02
CA THR B 85 -48.49 3.75 15.32
C THR B 85 -47.88 5.16 15.29
N LYS B 93 -46.57 4.76 20.53
CA LYS B 93 -47.04 6.11 20.78
C LYS B 93 -48.13 6.13 21.85
N GLU B 94 -49.00 5.11 21.86
CA GLU B 94 -50.11 5.04 22.79
C GLU B 94 -50.02 3.88 23.77
N LYS B 95 -49.57 2.70 23.33
CA LYS B 95 -49.53 1.50 24.15
C LYS B 95 -48.11 1.09 24.54
N HIS B 96 -47.10 1.63 23.86
CA HIS B 96 -45.72 1.16 24.00
C HIS B 96 -44.79 2.35 23.82
N PHE B 97 -44.25 2.87 24.92
CA PHE B 97 -43.33 4.02 24.89
C PHE B 97 -42.15 3.73 25.83
N MET B 98 -41.38 4.77 26.14
CA MET B 98 -40.33 4.68 27.15
C MET B 98 -39.91 6.09 27.57
N ARG B 99 -39.55 6.23 28.85
CA ARG B 99 -39.15 7.53 29.40
C ARG B 99 -37.76 7.51 30.03
N VAL B 100 -37.10 8.67 29.99
CA VAL B 100 -35.70 8.80 30.38
C VAL B 100 -35.60 9.80 31.52
N ASP B 101 -34.95 9.39 32.60
CA ASP B 101 -35.02 10.02 33.90
C ASP B 101 -34.02 11.15 34.17
N GLU B 102 -34.24 12.03 35.14
CA GLU B 102 -33.22 13.03 35.49
C GLU B 102 -31.90 12.40 35.79
N SER B 103 -32.02 11.14 36.18
CA SER B 103 -30.98 10.25 36.54
C SER B 103 -30.12 9.96 35.41
N VAL B 104 -30.67 9.85 34.22
CA VAL B 104 -29.92 9.42 33.08
C VAL B 104 -28.71 10.22 32.74
N ASP B 105 -28.64 11.50 33.03
CA ASP B 105 -27.38 12.20 32.98
C ASP B 105 -26.66 12.24 31.72
N GLU B 106 -25.31 12.27 31.77
CA GLU B 106 -24.71 12.39 30.45
C GLU B 106 -23.63 11.33 30.20
N ARG B 107 -23.56 10.34 31.09
CA ARG B 107 -22.56 9.28 30.97
C ARG B 107 -23.04 8.29 29.92
N ARG B 108 -24.36 8.24 29.77
CA ARG B 108 -25.03 7.35 28.81
C ARG B 108 -26.47 7.89 28.71
N SER B 109 -26.69 8.79 27.75
CA SER B 109 -27.86 9.67 27.77
C SER B 109 -29.09 9.10 27.08
N TYR B 110 -28.91 8.38 25.97
CA TYR B 110 -30.01 8.16 25.04
C TYR B 110 -30.41 6.69 24.99
N VAL B 111 -31.68 6.47 24.68
CA VAL B 111 -32.19 5.14 24.42
C VAL B 111 -33.09 5.24 23.20
N VAL B 112 -33.06 4.19 22.38
CA VAL B 112 -33.90 4.11 21.20
C VAL B 112 -34.53 2.72 21.20
N SER B 113 -35.83 2.67 20.98
CA SER B 113 -36.58 1.43 21.15
C SER B 113 -37.32 1.12 19.86
N ALA B 114 -37.74 -0.13 19.74
CA ALA B 114 -38.39 -0.55 18.50
C ALA B 114 -39.13 -1.85 18.73
N VAL B 115 -40.27 -2.01 18.05
CA VAL B 115 -41.19 -3.11 18.28
C VAL B 115 -41.47 -3.80 16.94
N LEU B 116 -40.84 -4.95 16.72
CA LEU B 116 -41.13 -5.78 15.55
C LEU B 116 -42.26 -6.73 15.94
N LYS B 117 -43.48 -6.45 15.48
CA LYS B 117 -44.67 -7.21 15.82
C LYS B 117 -44.89 -8.37 14.85
N ASN B 118 -45.50 -9.45 15.36
CA ASN B 118 -45.78 -10.70 14.62
C ASN B 118 -44.58 -11.19 13.83
N VAL B 119 -43.55 -11.72 14.50
CA VAL B 119 -42.29 -12.05 13.88
C VAL B 119 -42.16 -13.56 13.72
N LYS B 120 -41.68 -13.98 12.54
CA LYS B 120 -41.23 -15.35 12.36
C LYS B 120 -40.11 -15.66 13.36
N MET B 121 -40.02 -16.94 13.73
CA MET B 121 -39.04 -17.39 14.71
C MET B 121 -38.38 -18.66 14.19
N ASN B 122 -37.09 -18.78 14.45
CA ASN B 122 -36.35 -20.00 14.14
C ASN B 122 -35.26 -20.14 15.20
N GLU B 123 -34.41 -21.14 15.04
CA GLU B 123 -33.24 -21.22 15.92
C GLU B 123 -31.93 -20.84 15.26
N ASN B 124 -31.77 -20.97 13.92
CA ASN B 124 -30.61 -20.34 13.30
C ASN B 124 -30.91 -18.98 12.67
N VAL B 125 -32.18 -18.60 12.49
CA VAL B 125 -32.48 -17.16 12.38
C VAL B 125 -32.16 -16.49 13.71
N TYR B 126 -32.33 -17.22 14.82
CA TYR B 126 -31.92 -16.71 16.12
C TYR B 126 -30.39 -16.53 16.19
N ASN B 127 -29.64 -17.50 15.65
CA ASN B 127 -28.21 -17.35 15.46
C ASN B 127 -27.90 -16.11 14.63
N ASN B 128 -28.66 -15.94 13.54
CA ASN B 128 -28.55 -14.76 12.68
C ASN B 128 -28.63 -13.49 13.51
N ILE B 129 -29.69 -13.38 14.31
CA ILE B 129 -29.90 -12.17 15.12
C ILE B 129 -28.70 -11.90 16.00
N ILE B 130 -28.25 -12.90 16.76
CA ILE B 130 -27.20 -12.57 17.73
C ILE B 130 -25.88 -12.29 17.03
N GLU B 131 -25.63 -12.92 15.88
CA GLU B 131 -24.44 -12.57 15.10
C GLU B 131 -24.49 -11.10 14.69
N LEU B 132 -25.66 -10.64 14.21
CA LEU B 132 -25.88 -9.23 13.90
C LEU B 132 -25.60 -8.34 15.11
N GLN B 133 -26.15 -8.71 16.27
CA GLN B 133 -26.01 -7.88 17.47
C GLN B 133 -24.54 -7.74 17.85
N GLU B 134 -23.81 -8.85 17.91
CA GLU B 134 -22.38 -8.75 18.21
C GLU B 134 -21.65 -7.90 17.19
N LYS B 135 -21.97 -8.06 15.90
CA LYS B 135 -21.25 -7.29 14.87
C LYS B 135 -21.43 -5.80 15.10
N LEU B 136 -22.68 -5.34 15.17
CA LEU B 136 -22.90 -3.92 15.46
C LEU B 136 -22.33 -3.51 16.81
N HIS B 137 -22.30 -4.41 17.78
CA HIS B 137 -21.70 -4.07 19.05
C HIS B 137 -20.23 -3.78 18.87
N HIS B 138 -19.57 -4.58 18.04
CA HIS B 138 -18.12 -4.61 18.04
C HIS B 138 -17.51 -3.48 17.23
N ASN B 139 -18.07 -3.19 16.05
CA ASN B 139 -17.48 -2.19 15.16
C ASN B 139 -18.20 -0.84 15.26
N LEU B 140 -19.45 -0.76 14.78
CA LEU B 140 -20.17 0.51 14.89
C LEU B 140 -20.20 0.98 16.34
N GLY B 141 -20.67 0.11 17.25
CA GLY B 141 -20.69 0.40 18.67
C GLY B 141 -19.32 0.40 19.32
N LYS B 142 -18.29 -0.01 18.58
CA LYS B 142 -16.90 -0.02 19.06
C LYS B 142 -16.80 -0.76 20.40
N LYS B 143 -17.03 -2.07 20.31
CA LYS B 143 -17.02 -2.94 21.48
C LYS B 143 -17.90 -2.38 22.61
N ARG B 144 -19.13 -2.01 22.24
CA ARG B 144 -20.16 -1.54 23.16
C ARG B 144 -19.78 -0.24 23.86
N ILE B 145 -18.71 0.42 23.45
CA ILE B 145 -18.32 1.59 24.25
C ILE B 145 -19.24 2.77 23.94
N LEU B 146 -19.85 2.79 22.75
CA LEU B 146 -20.79 3.84 22.40
C LEU B 146 -22.25 3.41 22.29
N LEU B 147 -22.54 2.11 22.14
CA LEU B 147 -23.93 1.67 22.18
C LEU B 147 -24.00 0.20 22.58
N ALA B 148 -25.08 -0.14 23.27
CA ALA B 148 -25.36 -1.52 23.65
C ALA B 148 -26.77 -1.85 23.17
N ILE B 149 -26.93 -3.02 22.56
CA ILE B 149 -28.19 -3.45 21.96
C ILE B 149 -28.73 -4.65 22.75
N GLY B 150 -30.04 -4.64 22.98
CA GLY B 150 -30.72 -5.69 23.71
C GLY B 150 -31.99 -6.14 23.02
N ILE B 151 -32.18 -7.46 22.98
CA ILE B 151 -33.27 -8.11 22.26
C ILE B 151 -34.14 -8.85 23.27
N HIS B 152 -35.34 -8.35 23.38
CA HIS B 152 -36.26 -8.86 24.29
C HIS B 152 -37.53 -9.25 23.63
N ASP B 153 -38.10 -10.33 24.15
CA ASP B 153 -39.37 -10.80 23.70
C ASP B 153 -40.30 -9.73 24.08
N TYR B 154 -41.19 -9.37 23.20
CA TYR B 154 -42.08 -8.28 23.44
C TYR B 154 -42.97 -8.47 24.55
N ASP B 155 -43.52 -9.66 24.54
CA ASP B 155 -44.59 -10.00 25.40
C ASP B 155 -44.36 -10.14 26.81
N LYS B 156 -43.14 -10.29 27.21
CA LYS B 156 -42.85 -10.46 28.61
C LYS B 156 -42.54 -9.21 29.34
N ILE B 157 -42.65 -8.10 28.62
CA ILE B 157 -42.34 -6.80 29.16
C ILE B 157 -43.60 -5.96 29.26
N ASN B 158 -44.02 -5.72 30.50
CA ASN B 158 -45.22 -4.94 30.75
C ASN B 158 -44.90 -3.47 30.50
N PHE B 159 -45.46 -2.92 29.42
CA PHE B 159 -45.25 -1.53 29.07
C PHE B 159 -46.12 -0.62 29.94
N PRO B 160 -45.74 0.66 30.08
CA PRO B 160 -44.55 1.31 29.48
C PRO B 160 -43.25 0.93 30.18
N VAL B 161 -42.14 1.44 29.64
CA VAL B 161 -40.83 1.15 30.17
C VAL B 161 -40.03 2.43 30.29
N ALA B 162 -38.93 2.34 31.05
CA ALA B 162 -38.16 3.53 31.39
C ALA B 162 -36.69 3.15 31.49
N TYR B 163 -35.85 4.18 31.51
CA TYR B 163 -34.41 4.02 31.53
C TYR B 163 -33.86 5.00 32.56
N LYS B 164 -33.23 4.47 33.62
CA LYS B 164 -32.79 5.31 34.73
C LYS B 164 -31.40 4.90 35.17
N PHE B 165 -30.85 5.69 36.10
CA PHE B 165 -29.62 5.38 36.85
C PHE B 165 -30.06 5.08 38.27
N GLU B 166 -30.24 3.81 38.61
CA GLU B 166 -30.81 3.52 39.92
C GLU B 166 -29.75 3.11 40.93
N GLU B 167 -30.03 3.43 42.20
CA GLU B 167 -29.21 3.03 43.32
C GLU B 167 -29.01 1.52 43.33
N LYS B 168 -27.75 1.09 43.42
CA LYS B 168 -27.41 -0.31 43.19
C LYS B 168 -28.07 -1.24 44.20
N GLU B 169 -28.38 -0.75 45.40
CA GLU B 169 -29.00 -1.60 46.43
C GLU B 169 -30.46 -1.92 46.11
N LYS B 170 -31.08 -1.20 45.18
CA LYS B 170 -32.42 -1.50 44.74
C LYS B 170 -32.43 -2.32 43.44
N ILE B 171 -31.28 -2.62 42.85
CA ILE B 171 -31.21 -3.39 41.62
C ILE B 171 -31.10 -4.87 41.98
N ASN B 172 -32.10 -5.65 41.57
CA ASN B 172 -32.09 -7.10 41.77
C ASN B 172 -32.78 -7.78 40.60
N PHE B 173 -32.11 -8.72 39.95
CA PHE B 173 -32.70 -9.44 38.83
C PHE B 173 -31.94 -10.73 38.54
N ILE B 174 -32.61 -11.65 37.85
CA ILE B 174 -32.06 -12.95 37.47
C ILE B 174 -31.49 -12.86 36.05
N PRO B 175 -30.20 -12.60 35.87
CA PRO B 175 -29.65 -12.45 34.52
C PRO B 175 -29.79 -13.72 33.71
N LEU B 176 -29.56 -13.56 32.40
CA LEU B 176 -29.60 -14.69 31.46
C LEU B 176 -28.73 -15.84 31.93
N ASN B 177 -27.60 -15.53 32.58
CA ASN B 177 -26.68 -16.58 32.99
C ASN B 177 -27.31 -17.52 34.03
N GLU B 178 -28.00 -16.95 35.03
CA GLU B 178 -28.22 -17.68 36.28
C GLU B 178 -29.69 -17.98 36.51
N THR B 179 -29.93 -18.73 37.58
CA THR B 179 -31.26 -18.83 38.14
C THR B 179 -31.41 -18.07 39.45
N GLN B 180 -30.31 -17.51 39.95
CA GLN B 180 -30.24 -16.90 41.27
C GLN B 180 -30.12 -15.39 41.13
N ASN B 181 -30.82 -14.66 42.00
CA ASN B 181 -30.84 -13.20 41.93
C ASN B 181 -29.44 -12.62 42.16
N VAL B 182 -29.23 -11.38 41.71
CA VAL B 182 -27.95 -10.69 41.79
C VAL B 182 -28.21 -9.23 42.14
N ASN B 183 -27.74 -8.80 43.32
CA ASN B 183 -27.94 -7.41 43.71
C ASN B 183 -26.99 -6.51 42.95
N GLY B 184 -27.32 -5.21 42.90
CA GLY B 184 -26.48 -4.27 42.19
C GLY B 184 -25.10 -4.15 42.80
N ASN B 185 -25.02 -4.14 44.12
CA ASN B 185 -23.77 -3.94 44.85
C ASN B 185 -22.89 -5.17 44.90
N ASN B 186 -23.36 -6.32 44.41
CA ASN B 186 -22.52 -7.46 44.11
C ASN B 186 -22.39 -7.70 42.61
N PHE B 187 -22.72 -6.70 41.78
CA PHE B 187 -22.85 -6.94 40.35
C PHE B 187 -21.50 -7.16 39.69
N ILE B 188 -20.63 -6.14 39.74
CA ILE B 188 -19.32 -6.23 39.09
C ILE B 188 -18.57 -7.45 39.59
N ASN B 189 -18.47 -7.56 40.92
CA ASN B 189 -17.80 -8.70 41.54
C ASN B 189 -18.34 -10.02 41.00
N PHE B 190 -19.61 -10.05 40.65
CA PHE B 190 -20.24 -11.26 40.15
C PHE B 190 -19.72 -11.64 38.76
N TYR B 191 -19.62 -10.66 37.87
CA TYR B 191 -19.19 -10.90 36.50
C TYR B 191 -17.74 -10.51 36.28
N GLN B 192 -17.05 -10.11 37.35
CA GLN B 192 -15.69 -9.60 37.24
C GLN B 192 -14.78 -10.56 36.49
N ASP B 193 -15.04 -11.86 36.57
CA ASP B 193 -14.24 -12.85 35.87
C ASP B 193 -15.05 -13.60 34.82
N ASN B 194 -16.10 -12.99 34.25
CA ASN B 194 -16.74 -13.60 33.09
C ASN B 194 -15.84 -13.37 31.90
N ILE B 195 -15.42 -14.48 31.26
CA ILE B 195 -14.51 -14.37 30.13
C ILE B 195 -15.07 -13.43 29.06
N ASN B 196 -16.36 -13.59 28.72
CA ASN B 196 -16.92 -12.81 27.62
C ASN B 196 -17.13 -11.35 28.00
N LEU B 197 -17.32 -11.04 29.29
CA LEU B 197 -17.83 -9.72 29.65
C LEU B 197 -16.97 -8.92 30.62
N LYS B 198 -16.04 -9.53 31.37
CA LYS B 198 -15.22 -8.76 32.30
C LYS B 198 -14.70 -7.46 31.66
N SER B 199 -14.57 -7.47 30.37
CA SER B 199 -14.00 -6.36 29.64
C SER B 199 -14.81 -5.19 29.79
N TYR B 200 -16.01 -5.28 29.35
CA TYR B 200 -16.92 -4.20 29.38
C TYR B 200 -17.25 -3.71 30.71
N LEU B 201 -17.36 -4.61 31.64
CA LEU B 201 -17.86 -4.22 32.88
C LEU B 201 -17.26 -3.18 33.68
N LYS B 202 -16.02 -3.26 34.01
CA LYS B 202 -15.41 -2.38 35.01
C LYS B 202 -15.12 -1.03 34.50
N ILE B 203 -14.93 -0.98 33.20
CA ILE B 203 -14.62 0.27 32.62
C ILE B 203 -15.85 1.09 32.33
N ILE B 204 -16.81 0.52 31.67
CA ILE B 204 -17.92 1.28 31.16
C ILE B 204 -18.66 1.89 32.28
N SER B 205 -18.96 1.05 33.24
CA SER B 205 -19.75 1.46 34.33
C SER B 205 -19.05 1.39 35.63
N ASP B 206 -18.83 2.55 36.19
CA ASP B 206 -18.33 2.67 37.53
C ASP B 206 -18.92 3.90 38.18
N PHE B 207 -20.11 4.23 37.73
CA PHE B 207 -20.91 5.33 38.30
C PHE B 207 -21.46 5.09 39.69
N GLU B 208 -21.94 6.16 40.33
CA GLU B 208 -22.58 5.99 41.63
C GLU B 208 -23.81 5.11 41.51
N LYS B 209 -24.66 5.35 40.51
CA LYS B 209 -25.84 4.56 40.21
C LYS B 209 -25.58 3.76 38.94
N PHE B 210 -26.38 2.70 38.73
CA PHE B 210 -26.18 1.89 37.54
C PHE B 210 -27.30 2.09 36.54
N PRO B 211 -27.01 2.01 35.25
CA PRO B 211 -28.03 2.28 34.23
C PRO B 211 -28.82 1.02 33.96
N VAL B 212 -30.12 1.12 34.08
CA VAL B 212 -31.03 0.02 33.88
C VAL B 212 -32.15 0.50 32.99
N ILE B 213 -32.68 -0.41 32.17
CA ILE B 213 -33.97 -0.23 31.51
C ILE B 213 -34.91 -1.22 32.18
N VAL B 214 -36.07 -0.73 32.60
CA VAL B 214 -36.96 -1.44 33.52
C VAL B 214 -38.39 -1.11 33.16
N ASP B 215 -39.27 -2.11 33.29
CA ASP B 215 -40.67 -1.92 32.91
C ASP B 215 -41.47 -1.38 34.11
N ALA B 216 -42.73 -1.07 33.85
CA ALA B 216 -43.60 -0.56 34.89
C ALA B 216 -43.88 -1.57 36.00
N GLY B 217 -43.38 -2.81 35.88
CA GLY B 217 -43.55 -3.81 36.91
C GLY B 217 -42.33 -3.94 37.79
N GLY B 218 -41.43 -2.95 37.69
CA GLY B 218 -40.18 -2.95 38.40
C GLY B 218 -39.15 -3.93 37.89
N GLN B 219 -39.43 -4.66 36.80
CA GLN B 219 -38.56 -5.74 36.34
C GLN B 219 -37.36 -5.18 35.59
N ILE B 220 -36.18 -5.29 36.20
CA ILE B 220 -34.94 -5.01 35.49
C ILE B 220 -34.87 -5.88 34.25
N LEU B 221 -34.67 -5.24 33.09
CA LEU B 221 -34.53 -5.99 31.85
C LEU B 221 -33.12 -5.95 31.27
N SER B 222 -32.32 -4.93 31.56
CA SER B 222 -30.99 -4.92 30.96
C SER B 222 -30.04 -4.01 31.72
N LEU B 223 -28.86 -3.85 31.13
CA LEU B 223 -27.72 -3.08 31.62
C LEU B 223 -26.75 -2.95 30.45
N PRO B 224 -25.70 -2.12 30.65
CA PRO B 224 -24.58 -1.84 29.74
C PRO B 224 -23.79 -3.13 29.54
N PRO B 225 -23.52 -3.86 30.63
CA PRO B 225 -22.83 -5.15 30.60
C PRO B 225 -23.82 -6.08 29.92
N ILE B 226 -23.38 -6.97 29.03
CA ILE B 226 -24.32 -7.76 28.29
C ILE B 226 -25.43 -8.47 28.97
N ILE B 227 -25.33 -8.77 30.23
CA ILE B 227 -26.38 -9.42 30.86
C ILE B 227 -27.64 -8.59 30.82
N ASN B 228 -28.71 -9.30 30.54
CA ASN B 228 -30.09 -8.90 30.54
C ASN B 228 -30.83 -9.87 31.44
N CYS B 229 -32.09 -9.61 31.79
CA CYS B 229 -32.87 -10.56 32.57
C CYS B 229 -33.00 -11.87 31.81
N ASP B 230 -32.99 -12.98 32.55
CA ASP B 230 -33.23 -14.27 31.92
C ASP B 230 -34.67 -14.41 31.43
N TYR B 231 -35.59 -13.55 31.91
CA TYR B 231 -37.01 -13.77 31.66
C TYR B 231 -37.42 -13.39 30.24
N THR B 232 -36.83 -12.33 29.68
CA THR B 232 -37.13 -11.96 28.30
C THR B 232 -36.16 -12.58 27.29
N LYS B 233 -35.67 -13.79 27.58
CA LYS B 233 -34.72 -14.46 26.69
C LYS B 233 -35.22 -14.46 25.26
N ILE B 234 -34.27 -14.56 24.34
CA ILE B 234 -34.57 -14.86 22.95
C ILE B 234 -34.58 -16.38 22.81
N THR B 235 -35.74 -16.96 22.56
CA THR B 235 -35.80 -18.35 22.12
C THR B 235 -36.99 -18.52 21.18
N TYR B 236 -36.81 -19.41 20.19
CA TYR B 236 -37.83 -19.74 19.20
C TYR B 236 -39.19 -19.89 19.87
N ASP B 237 -40.25 -19.60 19.13
CA ASP B 237 -41.59 -19.37 19.68
C ASP B 237 -41.63 -18.08 20.48
N THR B 238 -40.82 -17.08 20.06
CA THR B 238 -40.97 -15.70 20.51
C THR B 238 -41.74 -14.96 19.42
N ARG B 239 -43.03 -14.72 19.67
CA ARG B 239 -43.94 -14.29 18.60
C ARG B 239 -43.49 -12.97 17.98
N ASN B 240 -43.05 -12.03 18.80
CA ASN B 240 -42.59 -10.75 18.29
C ASN B 240 -41.64 -10.16 19.32
N LEU B 241 -40.87 -9.15 18.89
CA LEU B 241 -39.68 -8.72 19.62
C LEU B 241 -39.73 -7.23 19.92
N PHE B 242 -39.18 -6.88 21.09
CA PHE B 242 -38.89 -5.51 21.48
C PHE B 242 -37.37 -5.38 21.60
N ILE B 243 -36.81 -4.34 20.98
CA ILE B 243 -35.39 -4.06 21.03
C ILE B 243 -35.20 -2.72 21.71
N GLU B 244 -34.21 -2.67 22.59
CA GLU B 244 -33.74 -1.41 23.14
C GLU B 244 -32.27 -1.26 22.79
N CYS B 245 -31.85 -0.02 22.58
CA CYS B 245 -30.44 0.27 22.35
C CYS B 245 -30.11 1.52 23.15
N THR B 246 -29.20 1.38 24.10
CA THR B 246 -28.82 2.45 25.02
C THR B 246 -27.43 2.93 24.66
N ALA B 247 -27.25 4.25 24.61
CA ALA B 247 -26.02 4.76 24.01
C ALA B 247 -25.75 6.22 24.39
N ILE B 248 -24.46 6.56 24.35
CA ILE B 248 -23.96 7.92 24.55
C ILE B 248 -24.12 8.80 23.30
N ASP B 249 -24.28 8.23 22.10
CA ASP B 249 -24.57 9.00 20.89
C ASP B 249 -25.98 8.68 20.39
N ARG B 250 -26.85 9.70 20.39
CA ARG B 250 -28.22 9.50 19.93
C ARG B 250 -28.24 9.00 18.49
N ASN B 251 -27.49 9.66 17.61
CA ASN B 251 -27.59 9.34 16.19
C ASN B 251 -27.16 7.89 15.89
N LYS B 252 -25.98 7.47 16.36
CA LYS B 252 -25.53 6.12 16.04
C LYS B 252 -26.46 5.06 16.63
N ALA B 253 -27.13 5.36 17.74
CA ALA B 253 -28.16 4.45 18.22
C ALA B 253 -29.36 4.41 17.27
N GLU B 254 -29.76 5.58 16.76
CA GLU B 254 -30.77 5.65 15.71
C GLU B 254 -30.43 4.70 14.58
N ILE B 255 -29.21 4.85 14.05
CA ILE B 255 -28.77 4.06 12.90
C ILE B 255 -28.72 2.59 13.25
N ALA B 256 -28.23 2.28 14.45
CA ALA B 256 -28.21 0.92 14.95
C ALA B 256 -29.59 0.25 14.83
N VAL B 257 -30.59 0.81 15.50
CA VAL B 257 -31.88 0.13 15.54
C VAL B 257 -32.53 0.15 14.17
N ASN B 258 -32.33 1.22 13.38
CA ASN B 258 -32.88 1.19 12.04
C ASN B 258 -32.31 0.02 11.26
N ILE B 259 -31.01 -0.21 11.38
CA ILE B 259 -30.42 -1.40 10.75
C ILE B 259 -31.09 -2.67 11.26
N ILE B 260 -31.25 -2.80 12.58
CA ILE B 260 -31.73 -4.06 13.15
C ILE B 260 -33.16 -4.36 12.67
N CYS B 261 -34.09 -3.45 12.96
CA CYS B 261 -35.48 -3.73 12.60
C CYS B 261 -35.66 -3.72 11.08
N SER B 262 -34.92 -2.87 10.37
CA SER B 262 -34.88 -2.95 8.91
C SER B 262 -34.58 -4.37 8.45
N MET B 263 -33.46 -4.93 8.92
CA MET B 263 -32.91 -6.14 8.35
C MET B 263 -33.62 -7.41 8.82
N LEU B 264 -34.43 -7.38 9.88
CA LEU B 264 -35.26 -8.57 10.14
C LEU B 264 -36.76 -8.30 9.98
N SER B 265 -37.16 -7.11 9.53
CA SER B 265 -38.53 -6.90 9.07
C SER B 265 -38.91 -7.89 7.96
N GLU B 266 -37.97 -8.18 7.06
CA GLU B 266 -38.23 -9.05 5.92
C GLU B 266 -38.58 -10.47 6.33
N TYR B 267 -38.30 -10.85 7.57
CA TYR B 267 -38.53 -12.22 8.01
C TYR B 267 -39.39 -12.21 9.28
N CYS B 268 -40.32 -11.27 9.34
CA CYS B 268 -41.51 -11.34 10.16
C CYS B 268 -42.71 -11.43 9.24
N THR B 269 -43.75 -12.15 9.65
CA THR B 269 -44.78 -12.58 8.69
C THR B 269 -45.54 -11.43 8.02
N PRO B 270 -45.90 -10.30 8.70
CA PRO B 270 -46.27 -9.12 7.88
C PRO B 270 -45.00 -8.41 7.45
N LYS B 271 -44.35 -9.01 6.45
CA LYS B 271 -42.97 -8.70 6.11
C LYS B 271 -42.78 -7.22 5.82
N TYR B 272 -41.61 -6.71 6.20
CA TYR B 272 -41.20 -5.33 5.99
C TYR B 272 -42.10 -4.37 6.75
N SER B 273 -42.33 -4.66 8.03
CA SER B 273 -43.15 -3.78 8.86
C SER B 273 -42.76 -3.93 10.33
N ILE B 274 -42.30 -2.83 10.91
CA ILE B 274 -41.96 -2.74 12.33
C ILE B 274 -42.81 -1.65 12.98
N HIS B 275 -43.29 -1.91 14.20
CA HIS B 275 -44.06 -0.95 14.97
C HIS B 275 -43.16 -0.01 15.76
N SER B 276 -43.69 1.16 16.07
CA SER B 276 -42.86 2.29 16.43
C SER B 276 -43.12 2.73 17.88
N PHE B 277 -42.14 3.49 18.40
CA PHE B 277 -41.98 3.85 19.80
C PHE B 277 -41.69 5.34 19.89
N PHE B 278 -41.89 5.94 21.07
CA PHE B 278 -41.59 7.35 21.34
C PHE B 278 -40.81 7.41 22.64
N VAL B 279 -39.82 8.30 22.70
CA VAL B 279 -38.96 8.46 23.87
C VAL B 279 -39.00 9.93 24.28
N GLN B 280 -39.53 10.21 25.48
CA GLN B 280 -39.72 11.58 25.96
C GLN B 280 -38.84 11.81 27.18
N TYR B 281 -37.78 12.58 27.01
CA TYR B 281 -36.85 12.89 28.09
C TYR B 281 -37.52 13.79 29.13
N ASP B 282 -37.12 13.62 30.39
CA ASP B 282 -37.67 14.41 31.48
C ASP B 282 -37.13 15.83 31.42
N LYS B 283 -37.83 16.73 32.14
CA LYS B 283 -37.57 18.16 32.08
C LYS B 283 -36.08 18.46 32.18
N ASN B 284 -35.38 17.76 33.07
CA ASN B 284 -33.96 17.94 33.31
C ASN B 284 -33.19 16.78 32.70
N HIS B 285 -32.10 17.10 32.00
CA HIS B 285 -31.26 16.11 31.37
C HIS B 285 -30.00 16.77 30.82
N LYS B 289 -32.01 17.87 28.43
CA LYS B 289 -32.83 18.06 27.24
C LYS B 289 -34.24 18.51 27.62
N GLY B 290 -35.15 17.54 27.68
CA GLY B 290 -36.58 17.76 27.87
C GLY B 290 -37.44 17.32 26.69
N ASN B 291 -36.83 16.87 25.58
CA ASN B 291 -37.50 16.72 24.29
C ASN B 291 -38.07 15.30 24.13
N GLY B 292 -38.33 14.91 22.86
CA GLY B 292 -38.72 13.54 22.53
C GLY B 292 -38.52 13.23 21.07
N TYR B 293 -38.56 11.95 20.79
CA TYR B 293 -38.17 11.42 19.49
C TYR B 293 -39.04 10.21 19.20
N LEU B 294 -39.57 10.22 17.99
CA LEU B 294 -40.50 9.22 17.49
C LEU B 294 -39.77 8.14 16.68
N TYR B 295 -39.21 7.12 17.33
CA TYR B 295 -38.58 6.09 16.52
C TYR B 295 -39.60 5.10 15.91
N PRO B 296 -39.30 4.49 14.73
CA PRO B 296 -38.15 4.84 13.84
C PRO B 296 -38.33 6.11 12.97
N VAL B 297 -37.20 6.81 12.73
CA VAL B 297 -37.16 8.06 11.96
C VAL B 297 -37.37 7.78 10.47
N PHE B 298 -36.37 7.18 9.82
CA PHE B 298 -36.51 6.65 8.45
C PHE B 298 -36.75 7.76 7.42
N LYS B 299 -36.00 8.85 7.52
CA LYS B 299 -36.12 9.92 6.53
C LYS B 299 -35.15 9.65 5.38
N ASN B 300 -35.61 9.93 4.17
CA ASN B 300 -34.70 10.03 3.03
C ASN B 300 -34.17 11.46 2.94
N LYS B 301 -32.96 11.61 2.41
CA LYS B 301 -32.33 12.91 2.35
C LYS B 301 -32.36 13.54 0.97
N THR B 302 -32.55 12.75 -0.08
CA THR B 302 -32.79 13.23 -1.44
C THR B 302 -31.89 14.39 -1.88
N LEU B 303 -30.57 14.15 -1.96
CA LEU B 303 -29.65 15.09 -2.60
C LEU B 303 -29.79 15.01 -4.12
N THR B 304 -29.48 16.11 -4.82
CA THR B 304 -29.66 16.17 -6.27
C THR B 304 -28.38 16.71 -6.90
N CYS B 305 -27.83 15.95 -7.85
CA CYS B 305 -26.51 16.23 -8.41
C CYS B 305 -26.64 16.95 -9.76
N HIS B 306 -25.50 17.46 -10.23
CA HIS B 306 -25.38 18.16 -11.51
C HIS B 306 -24.53 17.36 -12.47
N MET B 307 -24.90 17.37 -13.74
CA MET B 307 -24.41 16.35 -14.65
C MET B 307 -22.95 16.52 -15.05
N ASP B 308 -22.35 17.71 -14.88
CA ASP B 308 -20.94 17.88 -15.21
C ASP B 308 -20.03 17.28 -14.14
N TYR B 309 -20.41 17.48 -12.87
CA TYR B 309 -19.62 16.96 -11.76
C TYR B 309 -19.42 15.45 -11.90
N VAL B 310 -20.50 14.72 -12.18
CA VAL B 310 -20.44 13.28 -12.08
C VAL B 310 -19.50 12.68 -13.13
N ARG B 311 -19.54 13.20 -14.38
CA ARG B 311 -18.60 12.62 -15.35
C ARG B 311 -17.20 13.18 -15.20
N LYS B 312 -17.04 14.44 -14.79
CA LYS B 312 -15.69 14.94 -14.61
C LYS B 312 -14.98 14.22 -13.45
N LEU B 313 -15.73 13.85 -12.41
CA LEU B 313 -15.16 13.15 -11.26
C LEU B 313 -15.03 11.65 -11.50
N SER B 314 -16.01 11.10 -12.13
CA SER B 314 -15.99 9.72 -12.34
C SER B 314 -15.22 9.33 -13.52
N GLY B 315 -14.87 10.30 -14.36
CA GLY B 315 -14.14 10.02 -15.59
C GLY B 315 -14.91 9.02 -16.43
N ILE B 316 -16.22 9.25 -16.55
CA ILE B 316 -17.11 8.38 -17.29
C ILE B 316 -17.25 8.73 -18.78
N LEU B 317 -16.52 9.77 -19.20
CA LEU B 317 -16.54 10.23 -20.60
C LEU B 317 -17.95 10.61 -21.04
N ASN B 318 -18.39 10.06 -22.18
CA ASN B 318 -19.72 10.38 -22.68
C ASN B 318 -20.80 9.38 -22.26
N LEU B 319 -21.79 9.91 -21.53
CA LEU B 319 -22.94 9.18 -21.01
C LEU B 319 -23.87 10.22 -20.42
N SER B 320 -25.18 9.99 -20.44
CA SER B 320 -26.07 10.99 -19.88
C SER B 320 -27.05 10.37 -18.90
N VAL B 321 -28.03 11.18 -18.48
CA VAL B 321 -28.85 10.84 -17.33
C VAL B 321 -29.73 9.64 -17.61
N LYS B 322 -30.06 9.40 -18.89
CA LYS B 322 -30.82 8.22 -19.25
C LYS B 322 -30.04 6.94 -18.96
N ASP B 323 -28.72 7.02 -18.82
CA ASP B 323 -27.88 5.88 -18.45
C ASP B 323 -27.66 5.78 -16.95
N VAL B 324 -28.17 6.71 -16.15
CA VAL B 324 -27.85 6.77 -14.73
C VAL B 324 -28.86 5.99 -13.90
N GLU B 325 -30.14 6.18 -14.19
CA GLU B 325 -31.20 5.48 -13.47
C GLU B 325 -30.97 3.98 -13.35
N PRO B 326 -30.53 3.25 -14.38
CA PRO B 326 -30.20 1.83 -14.17
C PRO B 326 -28.99 1.60 -13.28
N LEU B 327 -28.02 2.52 -13.27
CA LEU B 327 -26.74 2.24 -12.63
C LEU B 327 -26.87 2.20 -11.11
N LEU B 328 -27.58 3.17 -10.52
CA LEU B 328 -27.73 3.18 -9.06
C LEU B 328 -28.56 2.00 -8.56
N LYS B 329 -29.53 1.56 -9.36
CA LYS B 329 -30.37 0.42 -8.98
C LYS B 329 -29.52 -0.78 -8.58
N LYS B 330 -28.40 -1.02 -9.28
CA LYS B 330 -27.59 -2.17 -8.93
C LYS B 330 -26.99 -2.01 -7.53
N MET B 331 -26.80 -0.78 -7.07
CA MET B 331 -26.33 -0.55 -5.70
C MET B 331 -27.45 -0.46 -4.68
N MET B 332 -28.72 -0.64 -5.10
CA MET B 332 -29.92 -0.57 -4.24
C MET B 332 -30.33 0.88 -3.96
N ILE B 333 -30.13 1.77 -4.93
CA ILE B 333 -30.48 3.18 -4.82
C ILE B 333 -31.64 3.45 -5.78
N THR B 334 -32.51 4.40 -5.42
CA THR B 334 -33.56 4.80 -6.35
C THR B 334 -33.24 6.15 -6.95
N SER B 335 -33.61 6.29 -8.21
CA SER B 335 -32.98 7.16 -9.20
C SER B 335 -34.11 7.68 -10.06
N LYS B 336 -34.08 8.97 -10.41
CA LYS B 336 -34.92 9.50 -11.48
C LYS B 336 -34.28 10.76 -12.03
N VAL B 337 -34.67 11.10 -13.26
CA VAL B 337 -34.07 12.16 -14.05
C VAL B 337 -34.90 13.42 -13.92
N ILE B 338 -34.24 14.56 -13.75
CA ILE B 338 -34.89 15.87 -13.71
C ILE B 338 -34.76 16.59 -15.03
N ASP B 339 -33.66 16.36 -15.75
CA ASP B 339 -33.16 17.25 -16.80
C ASP B 339 -31.89 16.61 -17.34
N SER B 340 -31.55 16.96 -18.58
CA SER B 340 -30.26 16.54 -19.13
C SER B 340 -29.11 16.90 -18.20
N SER B 341 -29.23 18.03 -17.50
CA SER B 341 -28.18 18.55 -16.62
C SER B 341 -28.62 18.59 -15.15
N THR B 342 -29.17 17.49 -14.65
CA THR B 342 -29.67 17.43 -13.27
C THR B 342 -30.04 15.99 -12.96
N PHE B 343 -30.04 15.66 -11.67
CA PHE B 343 -30.35 14.31 -11.18
C PHE B 343 -31.33 14.41 -10.02
N THR B 344 -31.93 13.26 -9.63
CA THR B 344 -32.71 13.20 -8.39
C THR B 344 -32.53 11.80 -7.80
N VAL B 345 -31.63 11.70 -6.83
CA VAL B 345 -31.45 10.50 -6.03
C VAL B 345 -32.02 10.77 -4.64
N ASP B 346 -32.57 9.72 -4.04
CA ASP B 346 -32.91 9.73 -2.63
C ASP B 346 -32.01 8.74 -1.91
N VAL B 347 -31.34 9.20 -0.87
CA VAL B 347 -30.53 8.30 -0.06
C VAL B 347 -31.45 7.38 0.73
N PRO B 348 -31.24 6.07 0.71
CA PRO B 348 -31.97 5.21 1.65
C PRO B 348 -31.34 5.34 3.03
N PHE B 349 -32.18 5.35 4.04
CA PHE B 349 -31.71 5.41 5.40
C PHE B 349 -30.69 4.32 5.62
N TYR B 350 -30.69 3.43 4.67
CA TYR B 350 -29.79 2.33 4.61
C TYR B 350 -28.41 2.87 4.66
N ARG B 351 -28.16 3.74 3.70
CA ARG B 351 -26.88 4.29 3.43
C ARG B 351 -26.52 5.42 4.30
N SER B 352 -26.16 5.05 5.48
CA SER B 352 -25.68 6.08 6.40
C SER B 352 -24.33 6.65 5.96
N ASP B 353 -23.63 5.98 5.04
CA ASP B 353 -22.28 6.34 4.60
C ASP B 353 -22.25 7.48 3.59
N ILE B 354 -23.39 7.90 3.06
CA ILE B 354 -23.46 8.92 2.02
C ILE B 354 -23.58 10.29 2.67
N MET B 355 -22.53 11.11 2.59
CA MET B 355 -22.64 12.50 3.01
C MET B 355 -22.57 13.50 1.87
N HIS B 356 -22.20 13.10 0.65
CA HIS B 356 -21.93 14.07 -0.39
C HIS B 356 -22.22 13.48 -1.76
N PHE B 357 -22.36 14.37 -2.77
CA PHE B 357 -22.61 13.93 -4.14
C PHE B 357 -21.56 12.91 -4.59
N CYS B 358 -20.35 13.01 -4.05
CA CYS B 358 -19.28 12.11 -4.46
C CYS B 358 -19.53 10.68 -4.01
N ASP B 359 -20.32 10.47 -2.95
CA ASP B 359 -20.63 9.09 -2.55
C ASP B 359 -21.53 8.43 -3.59
N ILE B 360 -22.49 9.19 -4.11
CA ILE B 360 -23.27 8.72 -5.26
C ILE B 360 -22.35 8.49 -6.46
N VAL B 361 -21.39 9.39 -6.68
CA VAL B 361 -20.51 9.17 -7.83
C VAL B 361 -19.70 7.89 -7.64
N GLU B 362 -19.22 7.65 -6.42
CA GLU B 362 -18.49 6.42 -6.15
C GLU B 362 -19.34 5.22 -6.50
N ASP B 363 -20.59 5.21 -6.03
CA ASP B 363 -21.45 4.07 -6.30
C ASP B 363 -21.74 3.95 -7.79
N ILE B 364 -21.88 5.08 -8.51
CA ILE B 364 -22.11 5.02 -9.96
C ILE B 364 -20.89 4.44 -10.65
N ALA B 365 -19.69 4.80 -10.17
CA ALA B 365 -18.48 4.22 -10.72
C ALA B 365 -18.45 2.72 -10.50
N ILE B 366 -18.82 2.28 -9.29
CA ILE B 366 -18.81 0.84 -9.00
C ILE B 366 -19.80 0.12 -9.89
N ALA B 367 -21.04 0.62 -9.95
CA ALA B 367 -22.02 0.09 -10.89
C ALA B 367 -21.48 0.08 -12.31
N TYR B 368 -20.66 1.06 -12.67
CA TYR B 368 -20.11 1.05 -14.02
C TYR B 368 -19.08 -0.05 -14.18
N GLY B 369 -18.30 -0.34 -13.14
CA GLY B 369 -17.27 -1.34 -13.27
C GLY B 369 -15.90 -0.69 -13.44
N TYR B 370 -15.04 -0.85 -12.43
CA TYR B 370 -13.76 -0.15 -12.46
C TYR B 370 -12.88 -0.65 -13.59
N GLY B 371 -13.23 -1.75 -14.22
CA GLY B 371 -12.48 -2.17 -15.38
C GLY B 371 -12.89 -1.53 -16.69
N ASN B 372 -13.84 -0.58 -16.67
CA ASN B 372 -14.46 -0.08 -17.89
C ASN B 372 -14.33 1.44 -18.04
N ILE B 373 -13.63 2.13 -17.14
CA ILE B 373 -13.27 3.54 -17.31
C ILE B 373 -12.03 3.59 -18.19
N VAL B 374 -12.11 4.32 -19.30
CA VAL B 374 -10.97 4.37 -20.23
C VAL B 374 -9.89 5.28 -19.65
N SER B 375 -8.64 4.81 -19.68
CA SER B 375 -7.52 5.47 -19.02
C SER B 375 -7.10 6.74 -19.75
N GLU B 376 -6.45 7.62 -19.00
CA GLU B 376 -5.86 8.82 -19.58
C GLU B 376 -4.81 8.48 -20.64
N LYS B 377 -4.10 7.36 -20.46
CA LYS B 377 -2.97 6.98 -21.33
C LYS B 377 -1.92 8.09 -21.35
N ILE B 378 -1.18 8.15 -20.25
CA ILE B 378 -0.19 9.19 -20.01
C ILE B 378 1.16 8.70 -20.53
N GLU B 379 1.69 9.42 -21.51
CA GLU B 379 2.85 8.94 -22.28
C GLU B 379 4.13 9.20 -21.51
N ILE B 380 4.83 8.14 -21.18
CA ILE B 380 6.01 8.21 -20.35
C ILE B 380 7.25 8.22 -21.23
N ALA B 381 8.40 8.50 -20.63
CA ALA B 381 9.66 8.62 -21.36
C ALA B 381 10.53 7.41 -21.02
N LYS B 382 10.74 6.51 -21.98
CA LYS B 382 11.58 5.36 -21.68
C LYS B 382 13.03 5.78 -21.51
N LYS B 383 13.78 4.92 -20.88
CA LYS B 383 15.11 5.18 -20.56
C LYS B 383 16.02 4.21 -21.11
N ASN B 384 17.07 4.71 -21.77
CA ASN B 384 18.14 3.87 -22.30
C ASN B 384 18.65 2.91 -21.25
N SER B 385 18.80 1.66 -21.63
CA SER B 385 19.23 0.67 -20.66
C SER B 385 20.73 0.56 -20.56
N LEU B 386 21.45 0.78 -21.66
CA LEU B 386 22.89 0.68 -21.60
C LEU B 386 23.47 1.69 -20.61
N SER B 387 23.01 2.95 -20.69
CA SER B 387 23.42 3.92 -19.67
C SER B 387 23.15 3.37 -18.29
N ALA B 388 21.94 2.86 -18.08
CA ALA B 388 21.55 2.31 -16.79
C ALA B 388 22.57 1.30 -16.29
N CYS B 389 22.86 0.32 -17.12
CA CYS B 389 23.77 -0.74 -16.76
C CYS B 389 25.16 -0.20 -16.41
N THR B 390 25.68 0.73 -17.23
CA THR B 390 27.05 1.16 -16.97
C THR B 390 27.14 2.01 -15.71
N GLU B 391 26.07 2.73 -15.37
CA GLU B 391 26.10 3.50 -14.13
C GLU B 391 26.08 2.60 -12.91
N LEU B 392 25.33 1.49 -12.98
CA LEU B 392 25.41 0.50 -11.91
C LEU B 392 26.87 -0.05 -11.81
N PHE B 393 27.52 -0.32 -12.95
CA PHE B 393 28.89 -0.83 -12.89
C PHE B 393 29.82 0.19 -12.25
N ARG B 394 29.66 1.46 -12.62
CA ARG B 394 30.44 2.53 -12.02
C ARG B 394 30.31 2.50 -10.50
N ASN B 395 29.07 2.47 -10.00
CA ASN B 395 28.84 2.53 -8.57
C ASN B 395 29.45 1.33 -7.85
N VAL B 396 29.25 0.13 -8.40
CA VAL B 396 29.72 -1.07 -7.70
C VAL B 396 31.25 -1.10 -7.65
N LEU B 397 31.92 -0.50 -8.64
CA LEU B 397 33.39 -0.40 -8.53
C LEU B 397 33.85 0.74 -7.62
N ALA B 398 33.13 1.85 -7.61
CA ALA B 398 33.51 2.92 -6.71
C ALA B 398 33.42 2.45 -5.26
N GLU B 399 32.40 1.64 -4.96
CA GLU B 399 32.21 1.06 -3.61
C GLU B 399 33.27 0.04 -3.22
N CYS B 400 34.13 -0.42 -4.13
CA CYS B 400 35.30 -1.15 -3.70
C CYS B 400 36.55 -0.31 -3.68
N THR B 401 36.42 1.01 -3.72
CA THR B 401 37.53 1.96 -3.64
C THR B 401 38.35 2.02 -4.92
N TYR B 402 37.83 1.50 -6.03
CA TYR B 402 38.44 1.74 -7.34
C TYR B 402 38.08 3.15 -7.83
N THR B 403 39.03 3.80 -8.49
CA THR B 403 38.84 5.16 -9.01
C THR B 403 38.60 5.11 -10.51
N GLU B 404 37.56 5.81 -10.97
CA GLU B 404 37.23 5.88 -12.38
C GLU B 404 38.24 6.70 -13.17
N VAL B 405 38.50 6.27 -14.41
CA VAL B 405 39.42 6.91 -15.35
C VAL B 405 38.73 7.07 -16.71
N MET B 406 39.17 8.08 -17.49
CA MET B 406 38.64 8.39 -18.82
C MET B 406 39.78 8.70 -19.79
N THR B 407 40.06 7.80 -20.74
CA THR B 407 41.18 7.99 -21.67
C THR B 407 40.74 8.38 -23.09
N ASN B 408 41.76 8.68 -23.90
CA ASN B 408 41.61 8.95 -25.33
C ASN B 408 41.03 7.76 -26.06
N ALA B 409 40.11 8.04 -26.97
CA ALA B 409 39.54 7.05 -27.88
C ALA B 409 40.41 6.79 -29.11
N LEU B 410 41.48 7.55 -29.30
CA LEU B 410 42.34 7.42 -30.45
C LEU B 410 43.75 7.04 -30.00
N LEU B 411 44.40 6.15 -30.74
CA LEU B 411 45.80 5.84 -30.46
C LEU B 411 46.49 5.43 -31.75
N SER B 412 47.70 4.92 -31.59
CA SER B 412 48.54 4.51 -32.69
C SER B 412 48.46 2.99 -32.88
N LYS B 413 48.56 2.55 -34.14
CA LYS B 413 48.71 1.12 -34.40
C LYS B 413 49.91 0.56 -33.65
N ARG B 414 50.95 1.38 -33.45
CA ARG B 414 52.11 0.92 -32.69
C ARG B 414 51.77 0.60 -31.24
N GLU B 415 50.92 1.42 -30.60
CA GLU B 415 50.59 1.15 -29.20
C GLU B 415 49.68 -0.05 -29.07
N ASN B 416 48.71 -0.20 -29.98
CA ASN B 416 47.70 -1.23 -29.81
C ASN B 416 48.23 -2.63 -30.08
N TYR B 417 49.24 -2.76 -30.93
CA TYR B 417 49.63 -4.08 -31.45
C TYR B 417 51.08 -4.42 -31.12
N ASP B 418 52.03 -3.61 -31.58
CA ASP B 418 53.45 -3.92 -31.39
C ASP B 418 53.80 -3.99 -29.91
N CYS B 419 53.62 -2.86 -29.18
CA CYS B 419 53.89 -2.84 -27.75
C CYS B 419 53.09 -3.88 -26.98
N MET B 420 51.92 -4.24 -27.50
CA MET B 420 51.10 -5.30 -26.93
C MET B 420 51.50 -6.68 -27.45
N LEU B 421 52.51 -6.75 -28.33
CA LEU B 421 53.07 -8.02 -28.81
C LEU B 421 52.05 -8.86 -29.58
N ARG B 422 51.22 -8.21 -30.41
CA ARG B 422 50.12 -8.90 -31.05
C ARG B 422 49.80 -8.23 -32.39
N LYS B 423 48.96 -8.89 -33.19
CA LYS B 423 48.52 -8.33 -34.45
C LYS B 423 47.00 -8.45 -34.51
N HIS B 424 46.36 -7.49 -35.18
CA HIS B 424 44.91 -7.56 -35.27
C HIS B 424 44.43 -8.57 -36.33
N ARG B 425 43.25 -9.14 -36.07
CA ARG B 425 42.49 -9.99 -36.96
C ARG B 425 42.33 -9.42 -38.38
N SER B 426 41.96 -10.28 -39.33
CA SER B 426 41.83 -9.87 -40.71
C SER B 426 40.52 -9.11 -40.96
N TYR B 427 40.55 -8.22 -41.96
CA TYR B 427 39.32 -7.55 -42.36
C TYR B 427 38.36 -8.46 -43.09
N ASP B 428 38.79 -9.67 -43.46
CA ASP B 428 37.91 -10.64 -44.12
C ASP B 428 37.52 -11.77 -43.18
N ASP B 429 37.84 -11.63 -41.90
CA ASP B 429 37.52 -12.62 -40.89
C ASP B 429 36.02 -12.69 -40.68
N ARG B 430 35.47 -13.90 -40.83
CA ARG B 430 34.04 -14.13 -40.72
C ARG B 430 33.65 -14.94 -39.49
N LYS B 431 34.63 -15.33 -38.66
CA LYS B 431 34.33 -15.94 -37.36
C LYS B 431 33.88 -14.89 -36.33
N ILE B 432 34.33 -13.62 -36.48
CA ILE B 432 34.01 -12.50 -35.57
C ILE B 432 32.52 -12.39 -35.25
N ASN B 433 32.18 -12.53 -33.97
CA ASN B 433 30.80 -12.42 -33.51
C ASN B 433 30.60 -11.09 -32.83
N LEU B 434 29.60 -10.34 -33.29
CA LEU B 434 29.38 -8.99 -32.80
C LEU B 434 28.85 -8.94 -31.36
N ASP B 435 28.40 -10.07 -30.81
CA ASP B 435 27.96 -10.14 -29.43
C ASP B 435 29.08 -10.43 -28.44
N GLU B 436 30.27 -10.77 -28.93
CA GLU B 436 31.35 -11.22 -28.07
C GLU B 436 32.27 -10.08 -27.79
N TYR B 437 33.26 -10.37 -26.97
CA TYR B 437 34.36 -9.47 -26.66
C TYR B 437 35.43 -9.69 -27.73
N ASN B 438 35.77 -8.63 -28.48
CA ASN B 438 36.59 -8.72 -29.68
C ASN B 438 37.74 -7.73 -29.61
N PRO B 439 38.68 -7.95 -28.68
CA PRO B 439 39.74 -6.94 -28.51
C PRO B 439 40.61 -6.74 -29.75
N LEU B 440 40.98 -7.81 -30.47
CA LEU B 440 41.74 -7.69 -31.71
C LEU B 440 40.86 -7.75 -32.95
N ALA B 441 39.61 -7.31 -32.87
CA ALA B 441 38.85 -7.09 -34.08
C ALA B 441 39.57 -6.08 -34.99
N PRO B 442 39.29 -6.10 -36.29
CA PRO B 442 39.90 -5.14 -37.22
C PRO B 442 39.43 -3.72 -36.92
N PRO B 443 40.36 -2.77 -36.86
CA PRO B 443 40.07 -1.45 -36.30
C PRO B 443 39.41 -0.50 -37.29
N VAL B 444 39.01 0.65 -36.75
CA VAL B 444 38.59 1.80 -37.55
C VAL B 444 39.81 2.71 -37.72
N GLN B 445 40.16 2.98 -38.99
CA GLN B 445 41.39 3.69 -39.33
C GLN B 445 41.12 5.12 -39.80
N ILE B 446 41.93 6.09 -39.29
CA ILE B 446 41.74 7.50 -39.60
C ILE B 446 42.61 7.89 -40.79
N MET B 447 42.01 8.69 -41.68
CA MET B 447 42.69 9.22 -42.86
C MET B 447 43.62 10.37 -42.49
N ASN B 448 43.06 11.45 -42.02
CA ASN B 448 43.81 12.62 -41.74
C ASN B 448 44.05 13.14 -40.35
N SER B 449 44.65 12.39 -39.47
CA SER B 449 44.91 12.90 -38.15
C SER B 449 45.93 13.90 -38.30
N LYS B 450 45.79 14.99 -37.63
CA LYS B 450 46.69 16.06 -37.78
C LYS B 450 47.69 15.91 -36.72
N THR B 451 47.58 14.82 -36.03
CA THR B 451 48.44 14.49 -34.91
C THR B 451 48.85 13.04 -35.10
N SER B 452 50.15 12.80 -35.11
CA SER B 452 50.64 11.54 -35.65
C SER B 452 50.11 10.37 -34.84
N GLU B 453 49.97 10.55 -33.52
CA GLU B 453 49.65 9.43 -32.65
C GLU B 453 48.20 8.95 -32.76
N TYR B 454 47.40 9.50 -33.68
CA TYR B 454 45.96 9.21 -33.75
C TYR B 454 45.65 8.42 -35.02
N GLU B 455 46.07 7.14 -35.05
CA GLU B 455 45.94 6.31 -36.25
C GLU B 455 44.61 5.57 -36.31
N ILE B 456 44.15 5.05 -35.17
CA ILE B 456 42.94 4.24 -35.07
C ILE B 456 42.12 4.62 -33.84
N VAL B 457 40.85 4.26 -33.87
CA VAL B 457 40.02 4.21 -32.67
C VAL B 457 40.41 2.97 -31.87
N ARG B 458 40.47 3.12 -30.55
CA ARG B 458 40.81 2.02 -29.67
C ARG B 458 39.87 0.84 -29.84
N THR B 459 40.40 -0.36 -29.64
CA THR B 459 39.57 -1.56 -29.70
C THR B 459 39.60 -2.31 -28.37
N SER B 460 40.38 -1.80 -27.43
CA SER B 460 40.51 -2.41 -26.12
C SER B 460 40.82 -1.28 -25.15
N LEU B 461 40.41 -1.42 -23.90
CA LEU B 461 40.66 -0.34 -22.96
C LEU B 461 42.04 -0.58 -22.35
N ILE B 462 42.53 -1.82 -22.35
CA ILE B 462 43.68 -2.17 -21.52
C ILE B 462 44.92 -1.32 -21.83
N VAL B 463 45.13 -0.95 -23.08
CA VAL B 463 46.34 -0.24 -23.48
C VAL B 463 46.40 1.14 -22.81
N ASN B 464 45.27 1.87 -22.87
CA ASN B 464 45.24 3.22 -22.31
C ASN B 464 45.46 3.20 -20.80
N MET B 465 44.95 2.19 -20.09
CA MET B 465 45.24 2.17 -18.67
C MET B 465 46.63 1.63 -18.36
N LEU B 466 47.21 0.85 -19.26
CA LEU B 466 48.64 0.58 -19.14
C LEU B 466 49.43 1.88 -19.23
N LYS B 467 49.06 2.75 -20.18
CA LYS B 467 49.68 4.07 -20.25
C LYS B 467 49.48 4.84 -18.95
N PHE B 468 48.23 4.87 -18.47
CA PHE B 468 47.86 5.53 -17.21
C PHE B 468 48.69 5.00 -16.03
N VAL B 469 48.77 3.68 -15.87
CA VAL B 469 49.55 3.11 -14.78
C VAL B 469 51.00 3.59 -14.89
N SER B 470 51.58 3.50 -16.09
CA SER B 470 52.93 4.04 -16.29
C SER B 470 53.01 5.49 -15.83
N ALA B 471 51.95 6.26 -16.05
CA ALA B 471 51.92 7.67 -15.69
C ALA B 471 52.05 7.85 -14.19
N ASN B 472 51.40 6.97 -13.43
CA ASN B 472 51.23 7.16 -11.99
C ASN B 472 51.96 6.08 -11.16
N LYS B 473 52.92 5.36 -11.77
CA LYS B 473 53.68 4.38 -11.01
C LYS B 473 54.45 5.02 -9.87
N HIS B 474 54.74 6.32 -9.98
CA HIS B 474 55.38 7.04 -8.86
C HIS B 474 54.41 7.23 -7.69
N ARG B 475 53.11 7.32 -7.95
CA ARG B 475 52.11 7.58 -6.92
CA ARG B 475 52.14 7.60 -6.90
C ARG B 475 52.06 6.47 -5.88
N GLU B 476 51.13 6.57 -4.95
CA GLU B 476 51.02 5.64 -3.84
C GLU B 476 50.33 4.36 -4.31
N LEU B 477 50.93 3.21 -3.98
CA LEU B 477 50.45 1.89 -4.38
C LEU B 477 49.58 1.27 -3.29
N PRO B 478 48.72 0.31 -3.65
CA PRO B 478 48.45 -0.20 -4.99
C PRO B 478 47.71 0.85 -5.81
N LEU B 479 47.73 0.75 -7.13
CA LEU B 479 46.84 1.52 -7.99
C LEU B 479 45.64 0.66 -8.37
N ARG B 480 44.44 1.22 -8.19
CA ARG B 480 43.17 0.55 -8.43
C ARG B 480 42.32 1.45 -9.32
N PHE B 481 42.50 1.33 -10.63
CA PHE B 481 41.67 2.11 -11.53
C PHE B 481 40.67 1.21 -12.22
N PHE B 482 39.67 1.89 -12.79
CA PHE B 482 38.79 1.28 -13.77
C PHE B 482 38.37 2.36 -14.76
N GLU B 483 38.24 1.98 -16.04
CA GLU B 483 37.59 2.77 -17.06
C GLU B 483 36.42 1.98 -17.62
N ILE B 484 35.40 2.67 -18.12
CA ILE B 484 34.21 2.03 -18.69
C ILE B 484 33.70 2.93 -19.82
N GLY B 485 33.90 2.50 -21.06
CA GLY B 485 33.53 3.34 -22.17
C GLY B 485 33.47 2.59 -23.48
N ASP B 486 33.34 3.36 -24.57
CA ASP B 486 33.09 2.78 -25.89
C ASP B 486 34.38 2.46 -26.64
N VAL B 487 34.39 1.28 -27.24
CA VAL B 487 35.36 0.77 -28.22
C VAL B 487 34.73 0.82 -29.63
N SER B 488 35.56 0.84 -30.67
CA SER B 488 35.02 0.78 -32.03
C SER B 488 35.81 -0.20 -32.87
N TYR B 489 35.13 -0.87 -33.80
CA TYR B 489 35.86 -1.61 -34.83
C TYR B 489 35.04 -1.74 -36.12
N THR B 490 35.76 -2.19 -37.16
CA THR B 490 35.22 -2.33 -38.51
C THR B 490 34.38 -3.59 -38.62
N THR B 491 33.19 -3.46 -39.18
CA THR B 491 32.26 -4.57 -39.40
C THR B 491 31.62 -4.42 -40.79
N TYR B 492 32.36 -4.84 -41.80
CA TYR B 492 31.91 -4.73 -43.18
C TYR B 492 30.65 -5.57 -43.42
N ASP B 493 29.59 -4.90 -43.88
CA ASP B 493 28.34 -5.50 -44.32
C ASP B 493 27.41 -5.86 -43.17
N ARG B 494 27.70 -5.37 -41.97
CA ARG B 494 26.88 -5.71 -40.81
C ARG B 494 26.31 -4.51 -40.09
N THR B 495 26.84 -3.31 -40.28
CA THR B 495 26.19 -2.09 -39.82
C THR B 495 26.03 -1.15 -41.00
N ASP B 496 25.22 -0.10 -40.83
CA ASP B 496 24.99 0.79 -41.97
C ASP B 496 26.20 1.67 -42.28
N THR B 497 27.12 1.81 -41.33
CA THR B 497 28.33 2.57 -41.57
C THR B 497 29.53 1.69 -41.82
N ASN B 498 29.38 0.38 -41.61
CA ASN B 498 30.43 -0.65 -41.65
C ASN B 498 31.33 -0.57 -40.43
N ALA B 499 30.99 0.27 -39.45
CA ALA B 499 31.70 0.32 -38.18
C ALA B 499 30.70 0.09 -37.07
N VAL B 500 31.20 -0.36 -35.91
CA VAL B 500 30.33 -0.44 -34.74
C VAL B 500 31.08 0.00 -33.49
N ASN B 501 30.29 0.47 -32.50
CA ASN B 501 30.72 0.73 -31.14
C ASN B 501 30.30 -0.41 -30.21
N LYS B 502 31.15 -0.72 -29.22
CA LYS B 502 30.82 -1.60 -28.09
C LYS B 502 31.14 -0.89 -26.77
N ARG B 503 30.50 -1.33 -25.67
CA ARG B 503 30.79 -0.75 -24.35
C ARG B 503 31.56 -1.74 -23.49
N TYR B 504 32.80 -1.39 -23.18
CA TYR B 504 33.68 -2.23 -22.40
C TYR B 504 33.92 -1.62 -21.04
N LEU B 505 34.31 -2.49 -20.12
CA LEU B 505 34.80 -2.08 -18.81
C LEU B 505 36.14 -2.76 -18.59
N SER B 506 37.14 -1.97 -18.20
CA SER B 506 38.44 -2.50 -17.83
C SER B 506 38.83 -2.03 -16.43
N VAL B 507 39.39 -2.96 -15.68
CA VAL B 507 39.75 -2.80 -14.28
C VAL B 507 41.20 -3.20 -14.16
N ILE B 508 42.04 -2.24 -13.80
CA ILE B 508 43.47 -2.47 -13.70
C ILE B 508 43.90 -2.32 -12.25
N PHE B 509 44.77 -3.23 -11.83
CA PHE B 509 45.36 -3.27 -10.50
C PHE B 509 46.87 -3.30 -10.65
N ALA B 510 47.58 -2.62 -9.75
CA ALA B 510 49.03 -2.67 -9.84
C ALA B 510 49.63 -2.51 -8.47
N ASP B 511 50.76 -3.20 -8.26
CA ASP B 511 51.41 -3.12 -6.95
C ASP B 511 52.84 -3.60 -7.05
N LYS B 512 53.67 -3.18 -6.08
CA LYS B 512 55.10 -3.45 -6.16
C LYS B 512 55.38 -4.93 -6.03
N PHE B 513 54.75 -5.58 -5.08
CA PHE B 513 55.01 -6.97 -4.84
C PHE B 513 54.15 -8.00 -5.38
N THR B 514 53.04 -7.61 -6.01
CA THR B 514 52.10 -8.61 -6.53
C THR B 514 51.23 -8.13 -7.67
N ALA B 515 50.99 -9.00 -8.57
CA ALA B 515 50.02 -8.75 -9.50
C ALA B 515 48.83 -9.39 -8.78
N GLY B 516 47.74 -8.71 -8.62
CA GLY B 516 46.65 -9.32 -7.89
C GLY B 516 45.85 -10.37 -8.57
N LEU B 517 46.38 -11.53 -8.88
CA LEU B 517 45.59 -12.49 -9.61
C LEU B 517 44.49 -12.94 -8.66
N GLU B 518 44.64 -12.61 -7.39
CA GLU B 518 43.61 -12.99 -6.43
C GLU B 518 42.56 -11.89 -6.28
N GLU B 519 43.01 -10.63 -6.25
CA GLU B 519 42.12 -9.49 -6.10
C GLU B 519 41.36 -9.16 -7.39
N ALA B 520 41.98 -9.30 -8.57
CA ALA B 520 41.23 -9.10 -9.81
C ALA B 520 40.14 -10.14 -9.94
N HIS B 521 40.48 -11.37 -9.59
CA HIS B 521 39.51 -12.45 -9.63
C HIS B 521 38.35 -12.14 -8.68
N GLY B 522 38.68 -11.81 -7.43
CA GLY B 522 37.64 -11.41 -6.49
C GLY B 522 36.85 -10.21 -6.94
N MET B 523 37.50 -9.25 -7.63
CA MET B 523 36.79 -8.06 -8.09
C MET B 523 35.76 -8.41 -9.14
N LEU B 524 36.15 -9.27 -10.10
CA LEU B 524 35.23 -9.77 -11.14
C LEU B 524 34.06 -10.51 -10.51
N GLU B 525 34.38 -11.45 -9.63
CA GLU B 525 33.34 -12.14 -8.88
C GLU B 525 32.41 -11.18 -8.16
N THR B 526 32.96 -10.19 -7.45
CA THR B 526 32.14 -9.24 -6.67
C THR B 526 31.25 -8.39 -7.58
N VAL B 527 31.84 -7.88 -8.66
CA VAL B 527 31.13 -7.03 -9.60
C VAL B 527 29.98 -7.81 -10.25
N LEU B 528 30.23 -9.04 -10.69
CA LEU B 528 29.16 -9.79 -11.33
C LEU B 528 28.14 -10.27 -10.32
N LYS B 529 28.61 -10.63 -9.12
CA LYS B 529 27.72 -11.02 -8.04
C LYS B 529 26.70 -9.93 -7.76
N GLU B 530 27.12 -8.66 -7.83
CA GLU B 530 26.16 -7.58 -7.71
C GLU B 530 24.99 -7.74 -8.66
N PHE B 531 25.19 -8.35 -9.81
CA PHE B 531 24.07 -8.50 -10.74
C PHE B 531 23.53 -9.92 -10.74
N GLN B 532 23.83 -10.69 -9.69
CA GLN B 532 23.32 -12.05 -9.50
C GLN B 532 23.68 -12.93 -10.69
N LEU B 533 24.92 -12.79 -11.14
CA LEU B 533 25.55 -13.64 -12.14
C LEU B 533 26.78 -14.26 -11.48
N PHE B 534 26.81 -15.59 -11.40
CA PHE B 534 27.81 -16.20 -10.55
C PHE B 534 28.79 -17.04 -11.36
N SER B 535 29.91 -17.34 -10.73
CA SER B 535 30.81 -18.34 -11.25
C SER B 535 30.13 -19.71 -11.21
N ASP B 536 30.60 -20.61 -12.09
CA ASP B 536 30.15 -21.99 -11.98
C ASP B 536 30.71 -22.64 -10.71
N TYR B 537 31.95 -22.30 -10.38
CA TYR B 537 32.52 -22.77 -9.11
C TYR B 537 31.66 -22.34 -7.93
N LYS B 538 31.28 -21.06 -7.88
CA LYS B 538 30.39 -20.56 -6.85
C LYS B 538 29.10 -21.37 -6.77
N ILE B 539 28.51 -21.69 -7.93
CA ILE B 539 27.23 -22.38 -7.91
C ILE B 539 27.39 -23.77 -7.35
N GLU B 540 28.48 -24.45 -7.73
CA GLU B 540 28.76 -25.77 -7.15
C GLU B 540 28.96 -25.67 -5.64
N GLU B 541 29.81 -24.72 -5.21
CA GLU B 541 30.15 -24.57 -3.79
C GLU B 541 28.91 -24.33 -2.94
N LYS B 542 28.13 -23.30 -3.27
CA LYS B 542 26.99 -22.99 -2.44
C LYS B 542 25.84 -23.96 -2.63
N SER B 543 25.82 -24.77 -3.69
CA SER B 543 24.80 -25.81 -3.72
C SER B 543 25.23 -27.06 -2.98
N LYS B 544 26.54 -27.27 -2.78
CA LYS B 544 26.92 -28.37 -1.89
C LYS B 544 26.51 -28.03 -0.47
N GLU B 545 26.55 -26.76 -0.10
CA GLU B 545 25.94 -26.27 1.13
C GLU B 545 24.43 -26.17 1.01
N ASN B 546 23.85 -26.80 -0.01
CA ASN B 546 22.41 -26.87 -0.20
C ASN B 546 21.77 -25.48 -0.21
N VAL B 547 22.37 -24.58 -0.99
CA VAL B 547 21.79 -23.25 -1.21
C VAL B 547 21.44 -23.09 -2.69
N ALA B 548 20.37 -22.34 -2.94
CA ALA B 548 19.85 -22.11 -4.29
C ALA B 548 20.42 -20.78 -4.78
N ILE B 549 21.37 -20.87 -5.69
CA ILE B 549 21.97 -19.71 -6.33
C ILE B 549 21.32 -19.58 -7.69
N ARG B 550 21.42 -18.39 -8.28
CA ARG B 550 20.97 -18.21 -9.65
C ARG B 550 21.85 -19.04 -10.58
N SER B 551 21.28 -20.12 -11.10
CA SER B 551 22.00 -21.15 -11.81
C SER B 551 21.68 -21.21 -13.30
N ASP B 552 20.54 -20.64 -13.74
CA ASP B 552 20.07 -20.82 -15.10
C ASP B 552 21.01 -20.21 -16.13
N VAL B 553 21.76 -19.20 -15.76
CA VAL B 553 22.87 -18.74 -16.58
C VAL B 553 24.01 -18.44 -15.63
N PHE B 554 25.23 -18.47 -16.16
CA PHE B 554 26.40 -18.23 -15.31
C PHE B 554 27.62 -17.93 -16.21
N TYR B 555 28.80 -17.94 -15.61
CA TYR B 555 30.02 -17.70 -16.36
C TYR B 555 31.08 -18.64 -15.84
N LYS B 556 32.11 -18.83 -16.66
CA LYS B 556 33.21 -19.71 -16.30
C LYS B 556 34.52 -19.08 -16.74
N LEU B 557 35.60 -19.59 -16.17
CA LEU B 557 36.95 -19.10 -16.43
C LEU B 557 37.77 -20.15 -17.18
N VAL B 558 38.04 -19.90 -18.46
CA VAL B 558 38.66 -20.85 -19.38
C VAL B 558 40.13 -20.48 -19.54
N PRO B 559 41.05 -21.36 -19.17
CA PRO B 559 42.47 -21.00 -19.28
C PRO B 559 42.93 -21.07 -20.74
N LYS B 560 43.57 -20.03 -21.17
CA LYS B 560 44.13 -19.92 -22.46
C LYS B 560 45.48 -19.26 -22.42
N GLU B 561 46.21 -19.17 -23.51
CA GLU B 561 47.36 -18.29 -23.53
C GLU B 561 47.12 -17.08 -24.43
N ASP B 562 47.90 -16.02 -24.19
CA ASP B 562 47.73 -14.73 -24.81
C ASP B 562 49.08 -14.05 -24.91
N PRO B 563 49.48 -13.58 -26.10
CA PRO B 563 50.79 -12.91 -26.23
C PRO B 563 51.09 -11.88 -25.17
N SER B 564 50.06 -11.22 -24.65
CA SER B 564 50.21 -10.06 -23.78
C SER B 564 50.09 -10.41 -22.31
N PHE B 565 49.99 -11.68 -21.97
CA PHE B 565 49.75 -12.09 -20.60
C PHE B 565 50.74 -13.18 -20.20
N LEU B 566 51.23 -13.08 -18.97
CA LEU B 566 52.09 -14.11 -18.41
C LEU B 566 51.42 -15.47 -18.45
N ASN B 567 52.16 -16.47 -18.92
CA ASN B 567 51.54 -17.76 -19.22
C ASN B 567 51.00 -18.44 -17.97
N GLU B 568 49.97 -19.24 -18.19
CA GLU B 568 49.25 -19.99 -17.16
C GLU B 568 48.57 -19.07 -16.17
N ARG B 569 48.43 -17.80 -16.50
CA ARG B 569 47.83 -16.78 -15.67
C ARG B 569 46.93 -15.82 -16.39
N VAL B 570 46.20 -16.27 -17.35
CA VAL B 570 45.21 -15.46 -18.06
C VAL B 570 44.06 -16.37 -18.43
N VAL B 571 42.87 -15.80 -18.55
CA VAL B 571 41.63 -16.57 -18.62
C VAL B 571 40.59 -15.84 -19.47
N ASP B 572 39.84 -16.60 -20.25
CA ASP B 572 38.62 -16.11 -20.88
C ASP B 572 37.42 -16.26 -19.94
N ILE B 573 36.68 -15.17 -19.73
CA ILE B 573 35.41 -15.22 -19.01
C ILE B 573 34.31 -15.49 -20.03
N VAL B 574 33.55 -16.57 -19.84
CA VAL B 574 32.63 -17.06 -20.85
C VAL B 574 31.24 -17.21 -20.26
N LEU B 575 30.25 -16.62 -20.93
CA LEU B 575 28.85 -16.69 -20.56
C LEU B 575 28.22 -17.98 -21.03
N CYS B 576 27.59 -18.72 -20.10
CA CYS B 576 26.94 -19.99 -20.32
C CYS B 576 25.46 -19.86 -20.00
N PRO B 577 24.58 -20.56 -20.72
CA PRO B 577 24.89 -21.57 -21.74
C PRO B 577 25.16 -21.03 -23.15
N HIS B 578 25.01 -19.71 -23.36
CA HIS B 578 25.27 -19.08 -24.66
C HIS B 578 26.60 -19.52 -25.24
N ASN B 579 27.61 -19.70 -24.37
CA ASN B 579 28.96 -20.09 -24.75
C ASN B 579 29.67 -18.93 -25.46
N LEU B 580 29.47 -17.72 -24.94
CA LEU B 580 30.06 -16.54 -25.56
C LEU B 580 31.13 -15.86 -24.72
N LYS B 581 32.32 -15.75 -25.30
CA LYS B 581 33.44 -15.09 -24.63
C LYS B 581 33.07 -13.61 -24.45
N PHE B 582 33.14 -13.09 -23.20
CA PHE B 582 32.81 -11.70 -22.94
C PHE B 582 33.83 -10.94 -22.12
N GLY B 583 34.96 -11.56 -21.77
CA GLY B 583 36.02 -10.78 -21.17
C GLY B 583 37.31 -11.58 -21.09
N ILE B 584 38.32 -10.91 -20.57
CA ILE B 584 39.60 -11.55 -20.30
C ILE B 584 40.11 -11.06 -18.96
N MET B 585 40.91 -11.89 -18.30
CA MET B 585 41.45 -11.48 -17.03
C MET B 585 42.72 -12.24 -16.76
N GLY B 586 43.77 -11.50 -16.40
CA GLY B 586 45.01 -12.17 -16.04
C GLY B 586 46.12 -11.19 -15.73
N ILE B 587 47.29 -11.78 -15.53
CA ILE B 587 48.52 -11.03 -15.30
C ILE B 587 49.01 -10.47 -16.63
N ILE B 588 49.55 -9.28 -16.61
CA ILE B 588 50.12 -8.73 -17.81
C ILE B 588 51.56 -9.23 -17.96
N HIS B 589 51.94 -9.54 -19.19
CA HIS B 589 53.26 -10.06 -19.46
C HIS B 589 54.33 -9.03 -19.12
N PRO B 590 55.46 -9.47 -18.54
CA PRO B 590 56.54 -8.53 -18.19
C PRO B 590 57.12 -7.75 -19.36
N LYS B 591 57.24 -8.40 -20.52
CA LYS B 591 57.74 -7.72 -21.72
C LYS B 591 56.88 -6.51 -22.08
N VAL B 592 55.55 -6.65 -22.01
CA VAL B 592 54.73 -5.49 -22.37
C VAL B 592 54.68 -4.50 -21.22
N LEU B 593 55.02 -4.92 -20.00
CA LEU B 593 55.22 -3.93 -18.94
C LEU B 593 56.47 -3.12 -19.22
N GLU B 594 57.49 -3.76 -19.83
CA GLU B 594 58.67 -3.05 -20.31
C GLU B 594 58.28 -2.09 -21.42
N ASN B 595 57.55 -2.58 -22.42
CA ASN B 595 57.16 -1.76 -23.56
C ASN B 595 56.42 -0.52 -23.13
N PHE B 596 55.57 -0.65 -22.10
CA PHE B 596 54.81 0.48 -21.61
C PHE B 596 55.45 1.15 -20.42
N SER B 597 56.71 0.83 -20.13
CA SER B 597 57.44 1.48 -19.04
C SER B 597 56.65 1.37 -17.74
N ILE B 598 56.53 0.14 -17.26
CA ILE B 598 55.85 -0.15 -16.01
C ILE B 598 56.75 -1.09 -15.21
N ASP B 599 57.22 -0.61 -14.06
CA ASP B 599 58.20 -1.33 -13.26
C ASP B 599 57.57 -2.02 -12.07
N ILE B 600 56.25 -2.12 -12.05
CA ILE B 600 55.55 -2.88 -11.01
C ILE B 600 54.61 -3.86 -11.68
N PRO B 601 54.36 -5.02 -11.07
CA PRO B 601 53.37 -5.97 -11.59
C PRO B 601 51.99 -5.36 -11.71
N VAL B 602 51.23 -5.87 -12.68
CA VAL B 602 49.94 -5.33 -13.10
C VAL B 602 49.00 -6.50 -13.42
N SER B 603 47.74 -6.39 -12.99
CA SER B 603 46.70 -7.37 -13.31
C SER B 603 45.52 -6.65 -13.94
N VAL B 604 44.74 -7.36 -14.76
CA VAL B 604 43.74 -6.69 -15.58
C VAL B 604 42.50 -7.56 -15.74
N ILE B 605 41.36 -6.87 -15.89
CA ILE B 605 40.07 -7.45 -16.26
C ILE B 605 39.50 -6.55 -17.34
N GLU B 606 39.07 -7.13 -18.47
CA GLU B 606 38.25 -6.35 -19.39
C GLU B 606 37.06 -7.18 -19.82
N ILE B 607 35.87 -6.57 -19.86
CA ILE B 607 34.65 -7.26 -20.24
C ILE B 607 33.79 -6.33 -21.10
N ASN B 608 32.95 -6.96 -21.89
CA ASN B 608 32.11 -6.26 -22.86
C ASN B 608 30.75 -6.28 -22.22
N ILE B 609 30.39 -5.20 -21.54
CA ILE B 609 29.20 -5.32 -20.70
C ILE B 609 27.94 -5.44 -21.53
N GLU B 610 28.04 -5.38 -22.87
CA GLU B 610 26.88 -5.59 -23.72
C GLU B 610 26.54 -7.07 -23.95
N THR B 611 27.48 -7.99 -23.74
CA THR B 611 27.16 -9.41 -23.89
C THR B 611 26.25 -9.88 -22.76
N ILE B 612 26.63 -9.50 -21.54
CA ILE B 612 25.98 -10.02 -20.35
C ILE B 612 24.79 -9.18 -19.94
N MET B 613 24.60 -8.03 -20.56
CA MET B 613 23.58 -7.10 -20.11
C MET B 613 22.20 -7.77 -19.96
N ASP B 614 21.78 -8.55 -20.94
CA ASP B 614 20.41 -9.05 -20.86
C ASP B 614 20.21 -10.10 -19.79
N VAL B 615 21.29 -10.75 -19.31
CA VAL B 615 21.12 -11.66 -18.18
C VAL B 615 21.37 -10.97 -16.84
N LEU B 616 21.96 -9.79 -16.83
CA LEU B 616 22.13 -9.06 -15.60
C LEU B 616 20.79 -8.74 -14.96
N MET B 617 20.78 -8.71 -13.62
CA MET B 617 19.57 -8.40 -12.86
C MET B 617 19.76 -7.09 -12.12
N MET B 618 18.90 -6.13 -12.41
CA MET B 618 19.00 -4.82 -11.80
C MET B 618 17.64 -4.22 -11.37
O3 FB9 C . 3.02 -1.55 -0.85
C10 FB9 C . 2.22 -2.43 -0.94
N2 FB9 C . 2.43 -3.50 -1.68
C11 FB9 C . 3.22 -3.45 -2.84
C19 FB9 C . 3.84 -4.56 -3.38
C18 FB9 C . 4.61 -4.44 -4.52
C14 FB9 C . 4.76 -3.23 -5.11
O4 FB9 C . 5.46 -3.12 -6.26
C15 FB9 C . 5.68 -4.28 -7.02
C17 FB9 C . 6.73 -5.21 -6.57
C16 FB9 C . 6.98 -4.33 -7.71
C13 FB9 C . 4.15 -2.12 -4.57
C12 FB9 C . 3.37 -2.23 -3.44
N FB9 C . 1.04 -2.35 -0.32
C5 FB9 C . 0.73 -1.30 0.50
C6 FB9 C . 0.07 -3.28 -0.55
C7 FB9 C . 0.18 -4.50 0.23
O1 FB9 C . 1.54 -4.80 0.47
C8 FB9 C . -0.55 -4.47 1.54
O2 FB9 C . -0.51 -5.80 2.05
C9 FB9 C . -0.02 -3.67 2.64
N1 FB9 C . -0.09 -2.27 2.47
C2 FB9 C . 0.27 -1.57 3.74
C1 FB9 C . -0.87 -0.94 4.46
O FB9 C . -0.75 -1.27 5.79
C FB9 C . -1.58 -0.50 6.55
C4 FB9 C . 1.14 -1.71 1.85
C3 FB9 C . 1.11 -0.58 2.91
C20 FB9 C . 0.36 0.62 2.52
C25 FB9 C . 0.89 1.89 2.64
C24 FB9 C . 0.20 3.00 2.23
C23 FB9 C . -1.07 2.86 1.71
C22 FB9 C . -1.61 1.60 1.60
C21 FB9 C . -0.89 0.50 1.99
C26 FB9 C . -1.79 4.00 1.27
C27 FB9 C . -2.38 4.95 0.88
C28 FB9 C . -3.05 6.11 0.37
C33 FB9 C . -4.26 6.00 -0.28
C32 FB9 C . -4.86 7.11 -0.79
C31 FB9 C . -4.29 8.33 -0.66
C30 FB9 C . -3.11 8.46 -0.01
C29 FB9 C . -2.47 7.35 0.50
MG MG D . -18.71 4.65 -0.24
#